data_1KJK
#
_entry.id   1KJK
#
_entity_poly.entity_id   1
_entity_poly.type   'polypeptide(L)'
_entity_poly.pdbx_seq_one_letter_code
;MGRRRSHERRDLPPNLYIRNNGYYCYRDPRTGKEFGLGRDRRIAITEAIQANIELFSGHKHKPL
;
_entity_poly.pdbx_strand_id   A
#
# COMPACT_ATOMS: atom_id res chain seq x y z
N ASP A 11 12.78 6.37 2.04
CA ASP A 11 12.34 5.11 2.68
C ASP A 11 10.82 4.96 2.50
N LEU A 12 10.40 4.10 1.63
CA LEU A 12 8.95 3.91 1.42
C LEU A 12 8.41 3.01 2.54
N PRO A 13 7.17 3.17 2.94
CA PRO A 13 6.59 2.34 4.03
C PRO A 13 6.59 0.85 3.66
N PRO A 14 6.52 -0.02 4.64
CA PRO A 14 6.52 -1.49 4.40
C PRO A 14 5.23 -2.00 3.73
N ASN A 15 5.31 -3.13 3.07
CA ASN A 15 4.12 -3.71 2.39
C ASN A 15 3.76 -2.87 1.16
N LEU A 16 4.24 -1.65 1.08
CA LEU A 16 3.91 -0.79 -0.09
C LEU A 16 5.06 -0.80 -1.10
N TYR A 17 4.74 -0.78 -2.36
CA TYR A 17 5.80 -0.81 -3.42
C TYR A 17 5.49 0.23 -4.49
N ILE A 18 6.30 0.29 -5.51
CA ILE A 18 6.06 1.27 -6.61
C ILE A 18 6.37 0.62 -7.96
N ARG A 19 5.68 1.03 -8.99
CA ARG A 19 5.92 0.44 -10.34
C ARG A 19 6.98 1.27 -11.07
N ASN A 20 7.64 0.67 -12.04
CA ASN A 20 8.69 1.42 -12.79
C ASN A 20 8.05 2.67 -13.42
N ASN A 21 6.76 2.73 -13.47
CA ASN A 21 6.08 3.92 -14.07
C ASN A 21 5.88 4.97 -12.97
N GLY A 22 6.26 4.65 -11.76
CA GLY A 22 6.10 5.62 -10.64
C GLY A 22 4.71 5.48 -10.02
N TYR A 23 3.99 4.44 -10.35
CA TYR A 23 2.64 4.25 -9.76
C TYR A 23 2.78 3.53 -8.42
N TYR A 24 2.16 4.03 -7.39
CA TYR A 24 2.28 3.37 -6.05
C TYR A 24 1.25 2.24 -5.95
N CYS A 25 1.56 1.20 -5.21
CA CYS A 25 0.59 0.08 -5.07
C CYS A 25 0.81 -0.63 -3.73
N TYR A 26 -0.26 -1.00 -3.05
CA TYR A 26 -0.12 -1.71 -1.74
C TYR A 26 -0.36 -3.21 -1.96
N ARG A 27 0.26 -4.05 -1.16
CA ARG A 27 0.07 -5.53 -1.33
C ARG A 27 -0.72 -6.11 -0.15
N ASP A 28 -1.92 -6.58 -0.41
CA ASP A 28 -2.74 -7.16 0.69
C ASP A 28 -2.17 -8.55 1.05
N PRO A 29 -2.11 -8.91 2.31
CA PRO A 29 -1.57 -10.24 2.73
C PRO A 29 -2.62 -11.37 2.64
N ARG A 30 -3.87 -11.04 2.42
CA ARG A 30 -4.91 -12.11 2.34
C ARG A 30 -5.04 -12.60 0.90
N THR A 31 -4.97 -11.70 -0.05
CA THR A 31 -5.07 -12.10 -1.49
C THR A 31 -3.68 -12.02 -2.13
N GLY A 32 -2.75 -11.43 -1.43
CA GLY A 32 -1.37 -11.32 -1.98
C GLY A 32 -1.37 -10.45 -3.24
N LYS A 33 -2.53 -10.06 -3.72
CA LYS A 33 -2.56 -9.23 -4.95
C LYS A 33 -2.16 -7.79 -4.61
N GLU A 34 -2.14 -6.92 -5.58
CA GLU A 34 -1.76 -5.49 -5.34
C GLU A 34 -2.99 -4.59 -5.42
N PHE A 35 -2.84 -3.34 -5.09
CA PHE A 35 -4.00 -2.38 -5.16
C PHE A 35 -3.51 -1.07 -5.78
N GLY A 36 -4.05 -0.72 -6.91
CA GLY A 36 -3.63 0.55 -7.58
C GLY A 36 -4.13 1.74 -6.78
N LEU A 37 -3.24 2.63 -6.41
CA LEU A 37 -3.63 3.84 -5.62
C LEU A 37 -3.49 5.08 -6.49
N GLY A 38 -2.30 5.34 -6.97
CA GLY A 38 -2.06 6.53 -7.83
C GLY A 38 -0.59 6.90 -7.79
N ARG A 39 -0.21 7.98 -8.43
CA ARG A 39 1.23 8.39 -8.44
C ARG A 39 1.48 9.36 -7.30
N ASP A 40 0.51 9.56 -6.45
CA ASP A 40 0.68 10.51 -5.31
C ASP A 40 1.11 9.76 -4.05
N ARG A 41 2.36 9.82 -3.70
CA ARG A 41 2.83 9.12 -2.48
C ARG A 41 2.05 9.66 -1.27
N ARG A 42 1.37 10.76 -1.46
CA ARG A 42 0.58 11.36 -0.34
C ARG A 42 -0.69 10.54 -0.12
N ILE A 43 -1.47 10.39 -1.14
CA ILE A 43 -2.73 9.62 -1.00
C ILE A 43 -2.39 8.13 -0.91
N ALA A 44 -1.39 7.69 -1.62
CA ALA A 44 -1.02 6.24 -1.56
C ALA A 44 -0.54 5.89 -0.15
N ILE A 45 0.47 6.55 0.34
CA ILE A 45 0.98 6.25 1.71
C ILE A 45 -0.17 6.35 2.71
N THR A 46 -1.07 7.27 2.52
CA THR A 46 -2.21 7.41 3.46
C THR A 46 -2.92 6.05 3.57
N GLU A 47 -3.36 5.52 2.46
CA GLU A 47 -4.08 4.21 2.49
C GLU A 47 -3.16 3.11 3.02
N ALA A 48 -1.94 3.10 2.59
CA ALA A 48 -0.99 2.07 3.07
C ALA A 48 -0.98 2.06 4.60
N ILE A 49 -0.95 3.22 5.20
CA ILE A 49 -0.95 3.30 6.69
C ILE A 49 -2.18 2.60 7.26
N GLN A 50 -3.35 2.90 6.74
CA GLN A 50 -4.58 2.24 7.27
C GLN A 50 -4.44 0.74 7.04
N ALA A 51 -3.92 0.36 5.91
CA ALA A 51 -3.74 -1.09 5.61
C ALA A 51 -2.71 -1.67 6.59
N ASN A 52 -1.74 -0.88 6.98
CA ASN A 52 -0.71 -1.38 7.93
C ASN A 52 -1.34 -1.63 9.30
N ILE A 53 -2.31 -0.84 9.67
CA ILE A 53 -2.96 -1.04 10.99
C ILE A 53 -3.72 -2.37 10.98
N GLU A 54 -4.24 -2.75 9.85
CA GLU A 54 -4.99 -4.04 9.76
C GLU A 54 -4.00 -5.20 9.87
N LEU A 55 -2.78 -5.01 9.43
CA LEU A 55 -1.79 -6.12 9.52
C LEU A 55 -1.54 -6.45 11.01
N PHE A 56 -2.05 -5.63 11.89
CA PHE A 56 -1.87 -5.87 13.35
C PHE A 56 -3.20 -6.37 13.94
N SER A 57 -4.30 -6.09 13.29
CA SER A 57 -5.62 -6.55 13.80
C SER A 57 -6.05 -7.81 13.04
N GLY A 58 -5.47 -8.05 11.91
CA GLY A 58 -5.84 -9.27 11.11
C GLY A 58 -7.17 -9.06 10.42
N HIS A 59 -7.48 -9.86 9.45
CA HIS A 59 -8.78 -9.71 8.73
C HIS A 59 -9.94 -9.75 9.74
N ASP A 11 12.58 1.94 2.05
CA ASP A 11 12.34 3.41 2.02
C ASP A 11 10.84 3.69 2.08
N LEU A 12 10.07 3.01 1.28
CA LEU A 12 8.59 3.24 1.30
C LEU A 12 7.95 2.42 2.43
N PRO A 13 6.89 2.93 3.03
CA PRO A 13 6.19 2.22 4.14
C PRO A 13 6.17 0.68 3.94
N PRO A 14 6.24 -0.09 5.00
CA PRO A 14 6.21 -1.58 4.89
C PRO A 14 5.12 -2.11 3.92
N ASN A 15 5.45 -3.10 3.14
CA ASN A 15 4.46 -3.69 2.21
C ASN A 15 3.94 -2.65 1.20
N LEU A 16 4.80 -1.85 0.64
CA LEU A 16 4.37 -0.85 -0.38
C LEU A 16 5.41 -0.80 -1.49
N TYR A 17 5.02 -1.12 -2.70
CA TYR A 17 5.99 -1.12 -3.84
C TYR A 17 5.65 -0.03 -4.83
N ILE A 18 6.43 0.08 -5.88
CA ILE A 18 6.15 1.11 -6.93
C ILE A 18 6.37 0.50 -8.31
N ARG A 19 5.61 0.94 -9.27
CA ARG A 19 5.75 0.38 -10.65
C ARG A 19 6.74 1.21 -11.46
N ASN A 20 7.27 0.63 -12.52
CA ASN A 20 8.25 1.37 -13.37
C ASN A 20 7.57 2.61 -13.94
N ASN A 21 6.26 2.70 -13.82
CA ASN A 21 5.54 3.89 -14.36
C ASN A 21 5.49 4.97 -13.28
N GLY A 22 6.04 4.69 -12.12
CA GLY A 22 6.02 5.70 -11.03
C GLY A 22 4.71 5.60 -10.25
N TYR A 23 3.87 4.65 -10.58
CA TYR A 23 2.57 4.51 -9.86
C TYR A 23 2.81 3.66 -8.61
N TYR A 24 2.27 4.06 -7.49
CA TYR A 24 2.48 3.26 -6.25
C TYR A 24 1.44 2.14 -6.16
N CYS A 25 1.79 1.07 -5.49
CA CYS A 25 0.83 -0.08 -5.37
C CYS A 25 1.09 -0.82 -4.06
N TYR A 26 0.07 -0.99 -3.26
CA TYR A 26 0.25 -1.71 -1.95
C TYR A 26 -0.10 -3.19 -2.13
N ARG A 27 0.51 -4.07 -1.36
CA ARG A 27 0.22 -5.54 -1.49
C ARG A 27 -0.43 -6.07 -0.22
N ASP A 28 -1.65 -6.51 -0.31
CA ASP A 28 -2.35 -7.07 0.88
C ASP A 28 -1.80 -8.49 1.17
N PRO A 29 -1.44 -8.80 2.40
CA PRO A 29 -0.89 -10.16 2.74
C PRO A 29 -1.99 -11.22 2.94
N ARG A 30 -3.24 -10.84 2.94
CA ARG A 30 -4.32 -11.86 3.13
C ARG A 30 -4.67 -12.46 1.77
N THR A 31 -4.31 -11.79 0.70
CA THR A 31 -4.59 -12.31 -0.67
C THR A 31 -3.31 -12.24 -1.50
N GLY A 32 -2.43 -11.33 -1.17
CA GLY A 32 -1.14 -11.23 -1.93
C GLY A 32 -1.33 -10.40 -3.20
N LYS A 33 -2.53 -9.99 -3.47
CA LYS A 33 -2.76 -9.18 -4.71
C LYS A 33 -2.24 -7.75 -4.49
N GLU A 34 -2.43 -6.88 -5.46
CA GLU A 34 -1.95 -5.47 -5.32
C GLU A 34 -3.13 -4.49 -5.31
N PHE A 35 -2.87 -3.25 -5.01
CA PHE A 35 -3.95 -2.22 -4.99
C PHE A 35 -3.42 -0.94 -5.65
N GLY A 36 -4.07 -0.48 -6.69
CA GLY A 36 -3.59 0.76 -7.37
C GLY A 36 -4.02 1.99 -6.57
N LEU A 37 -3.07 2.82 -6.19
CA LEU A 37 -3.41 4.05 -5.40
C LEU A 37 -3.31 5.28 -6.30
N GLY A 38 -2.12 5.63 -6.70
CA GLY A 38 -1.93 6.82 -7.57
C GLY A 38 -0.47 7.25 -7.50
N ARG A 39 -0.11 8.31 -8.17
CA ARG A 39 1.31 8.78 -8.15
C ARG A 39 1.52 9.77 -7.00
N ASP A 40 0.54 9.95 -6.17
CA ASP A 40 0.68 10.91 -5.03
C ASP A 40 1.12 10.18 -3.77
N ARG A 41 2.32 10.43 -3.31
CA ARG A 41 2.80 9.75 -2.07
C ARG A 41 1.92 10.19 -0.90
N ARG A 42 1.16 11.23 -1.09
CA ARG A 42 0.28 11.72 0.01
C ARG A 42 -0.91 10.77 0.12
N ILE A 43 -1.50 10.44 -1.00
CA ILE A 43 -2.67 9.52 -0.99
C ILE A 43 -2.17 8.07 -0.91
N ALA A 44 -1.12 7.76 -1.61
CA ALA A 44 -0.60 6.37 -1.58
C ALA A 44 -0.15 6.02 -0.16
N ILE A 45 0.77 6.76 0.39
CA ILE A 45 1.24 6.46 1.77
C ILE A 45 0.05 6.44 2.73
N THR A 46 -0.89 7.33 2.52
CA THR A 46 -2.09 7.36 3.41
C THR A 46 -2.77 5.98 3.42
N GLU A 47 -3.16 5.51 2.27
CA GLU A 47 -3.85 4.18 2.20
C GLU A 47 -2.92 3.09 2.70
N ALA A 48 -1.69 3.13 2.32
CA ALA A 48 -0.72 2.09 2.77
C ALA A 48 -0.77 1.98 4.30
N ILE A 49 -0.85 3.09 4.98
CA ILE A 49 -0.90 3.05 6.47
C ILE A 49 -2.16 2.31 6.96
N GLN A 50 -3.29 2.58 6.35
CA GLN A 50 -4.54 1.90 6.79
C GLN A 50 -4.36 0.38 6.63
N ALA A 51 -3.60 -0.01 5.65
CA ALA A 51 -3.38 -1.46 5.44
C ALA A 51 -2.60 -2.03 6.63
N ASN A 52 -1.69 -1.25 7.17
CA ASN A 52 -0.90 -1.74 8.33
C ASN A 52 -1.81 -1.89 9.56
N ILE A 53 -2.74 -1.01 9.72
CA ILE A 53 -3.65 -1.12 10.90
C ILE A 53 -4.52 -2.36 10.74
N GLU A 54 -4.75 -2.79 9.53
CA GLU A 54 -5.58 -4.00 9.32
C GLU A 54 -4.79 -5.22 9.81
N LEU A 55 -3.50 -5.20 9.66
CA LEU A 55 -2.69 -6.37 10.12
C LEU A 55 -2.77 -6.48 11.64
N PHE A 56 -2.73 -5.38 12.33
CA PHE A 56 -2.82 -5.42 13.83
C PHE A 56 -4.28 -5.57 14.25
N SER A 57 -5.18 -5.64 13.31
CA SER A 57 -6.62 -5.78 13.66
C SER A 57 -7.40 -6.20 12.41
N GLY A 58 -6.98 -7.27 11.77
CA GLY A 58 -7.70 -7.72 10.55
C GLY A 58 -9.03 -8.36 10.95
N HIS A 59 -10.12 -7.83 10.46
CA HIS A 59 -11.45 -8.41 10.81
C HIS A 59 -11.54 -9.84 10.30
N ASP A 11 12.47 4.27 2.87
CA ASP A 11 11.74 5.46 2.33
C ASP A 11 10.25 5.13 2.23
N LEU A 12 9.89 4.17 1.43
CA LEU A 12 8.45 3.80 1.28
C LEU A 12 8.06 2.86 2.41
N PRO A 13 6.82 2.90 2.85
CA PRO A 13 6.32 2.01 3.94
C PRO A 13 6.24 0.55 3.48
N PRO A 14 6.18 -0.37 4.39
CA PRO A 14 6.10 -1.83 4.05
C PRO A 14 4.83 -2.17 3.26
N ASN A 15 4.80 -3.33 2.65
CA ASN A 15 3.60 -3.75 1.87
C ASN A 15 3.36 -2.79 0.70
N LEU A 16 4.06 -1.68 0.65
CA LEU A 16 3.87 -0.69 -0.48
C LEU A 16 5.08 -0.74 -1.39
N TYR A 17 4.87 -0.61 -2.68
CA TYR A 17 6.01 -0.66 -3.65
C TYR A 17 5.85 0.44 -4.69
N ILE A 18 6.58 0.33 -5.77
CA ILE A 18 6.50 1.35 -6.86
C ILE A 18 6.54 0.63 -8.21
N ARG A 19 5.72 1.04 -9.14
CA ARG A 19 5.72 0.37 -10.48
C ARG A 19 6.74 1.08 -11.40
N ASN A 20 6.97 0.55 -12.56
CA ASN A 20 7.94 1.20 -13.48
C ASN A 20 7.42 2.57 -13.91
N ASN A 21 6.14 2.80 -13.78
CA ASN A 21 5.56 4.12 -14.16
C ASN A 21 5.58 5.04 -12.95
N GLY A 22 6.13 4.58 -11.85
CA GLY A 22 6.16 5.43 -10.63
C GLY A 22 4.78 5.40 -9.97
N TYR A 23 3.99 4.42 -10.30
CA TYR A 23 2.63 4.31 -9.70
C TYR A 23 2.76 3.59 -8.35
N TYR A 24 2.15 4.11 -7.32
CA TYR A 24 2.27 3.44 -5.98
C TYR A 24 1.25 2.30 -5.90
N CYS A 25 1.65 1.20 -5.29
CA CYS A 25 0.71 0.03 -5.19
C CYS A 25 0.89 -0.67 -3.84
N TYR A 26 -0.20 -1.01 -3.19
CA TYR A 26 -0.12 -1.72 -1.88
C TYR A 26 -0.27 -3.22 -2.12
N ARG A 27 0.20 -4.04 -1.22
CA ARG A 27 0.08 -5.54 -1.42
C ARG A 27 -0.55 -6.19 -0.20
N ASP A 28 -1.67 -6.85 -0.39
CA ASP A 28 -2.35 -7.53 0.76
C ASP A 28 -1.58 -8.82 1.10
N PRO A 29 -1.50 -9.21 2.35
CA PRO A 29 -0.80 -10.46 2.75
C PRO A 29 -1.71 -11.69 2.63
N ARG A 30 -3.00 -11.47 2.47
CA ARG A 30 -3.94 -12.62 2.35
C ARG A 30 -4.14 -13.01 0.88
N THR A 31 -4.14 -12.04 0.00
CA THR A 31 -4.32 -12.34 -1.45
C THR A 31 -3.00 -12.17 -2.19
N GLY A 32 -2.05 -11.50 -1.59
CA GLY A 32 -0.73 -11.31 -2.24
C GLY A 32 -0.89 -10.45 -3.50
N LYS A 33 -2.10 -10.17 -3.90
CA LYS A 33 -2.29 -9.33 -5.11
C LYS A 33 -1.95 -7.88 -4.76
N GLU A 34 -2.16 -6.96 -5.66
CA GLU A 34 -1.83 -5.53 -5.37
C GLU A 34 -3.04 -4.62 -5.69
N PHE A 35 -3.03 -3.44 -5.14
CA PHE A 35 -4.14 -2.46 -5.38
C PHE A 35 -3.58 -1.20 -6.04
N GLY A 36 -4.25 -0.69 -7.02
CA GLY A 36 -3.75 0.54 -7.71
C GLY A 36 -4.19 1.78 -6.91
N LEU A 37 -3.25 2.57 -6.46
CA LEU A 37 -3.59 3.80 -5.67
C LEU A 37 -3.46 5.02 -6.59
N GLY A 38 -2.28 5.26 -7.08
CA GLY A 38 -2.06 6.43 -7.97
C GLY A 38 -0.60 6.86 -7.89
N ARG A 39 -0.27 7.98 -8.45
CA ARG A 39 1.15 8.47 -8.41
C ARG A 39 1.31 9.44 -7.25
N ASP A 40 0.33 9.51 -6.39
CA ASP A 40 0.40 10.46 -5.24
C ASP A 40 0.98 9.74 -4.01
N ARG A 41 2.26 9.92 -3.77
CA ARG A 41 2.90 9.28 -2.60
C ARG A 41 2.25 9.80 -1.31
N ARG A 42 1.48 10.84 -1.42
CA ARG A 42 0.80 11.41 -0.22
C ARG A 42 -0.40 10.54 0.15
N ILE A 43 -1.31 10.35 -0.76
CA ILE A 43 -2.50 9.51 -0.45
C ILE A 43 -2.10 8.03 -0.41
N ALA A 44 -1.20 7.63 -1.27
CA ALA A 44 -0.80 6.21 -1.29
C ALA A 44 -0.19 5.84 0.07
N ILE A 45 0.79 6.57 0.53
CA ILE A 45 1.39 6.23 1.85
C ILE A 45 0.28 6.24 2.91
N THR A 46 -0.60 7.20 2.84
CA THR A 46 -1.71 7.29 3.85
C THR A 46 -2.54 6.01 3.85
N GLU A 47 -2.99 5.57 2.71
CA GLU A 47 -3.83 4.34 2.66
C GLU A 47 -3.01 3.14 3.15
N ALA A 48 -1.73 3.13 2.90
CA ALA A 48 -0.88 1.99 3.36
C ALA A 48 -0.84 1.94 4.88
N ILE A 49 -0.68 3.08 5.51
CA ILE A 49 -0.60 3.12 7.00
C ILE A 49 -1.87 2.53 7.63
N GLN A 50 -3.01 3.06 7.30
CA GLN A 50 -4.26 2.53 7.92
C GLN A 50 -4.34 1.03 7.63
N ALA A 51 -3.80 0.61 6.52
CA ALA A 51 -3.81 -0.84 6.18
C ALA A 51 -2.90 -1.57 7.16
N ASN A 52 -1.80 -0.98 7.52
CA ASN A 52 -0.86 -1.63 8.48
C ASN A 52 -1.54 -1.76 9.84
N ILE A 53 -2.17 -0.72 10.29
CA ILE A 53 -2.85 -0.78 11.62
C ILE A 53 -4.06 -1.70 11.50
N GLU A 54 -4.79 -1.60 10.43
CA GLU A 54 -5.97 -2.48 10.24
C GLU A 54 -5.52 -3.91 9.97
N LEU A 55 -4.27 -4.08 9.65
CA LEU A 55 -3.75 -5.44 9.35
C LEU A 55 -4.03 -6.36 10.55
N PHE A 56 -4.32 -5.79 11.69
CA PHE A 56 -4.63 -6.62 12.90
C PHE A 56 -6.14 -6.69 13.10
N SER A 57 -6.88 -6.02 12.26
CA SER A 57 -8.37 -6.04 12.40
C SER A 57 -9.01 -5.76 11.04
N GLY A 58 -9.09 -6.75 10.19
CA GLY A 58 -9.70 -6.55 8.84
C GLY A 58 -11.01 -5.77 9.00
N HIS A 59 -11.51 -5.22 7.93
CA HIS A 59 -12.79 -4.43 7.98
C HIS A 59 -12.83 -3.59 9.25
N ASP A 11 12.68 2.23 2.42
CA ASP A 11 12.41 3.66 2.70
C ASP A 11 10.89 3.91 2.72
N LEU A 12 10.18 3.35 1.78
CA LEU A 12 8.71 3.55 1.76
C LEU A 12 8.05 2.58 2.75
N PRO A 13 6.93 2.94 3.33
CA PRO A 13 6.20 2.06 4.30
C PRO A 13 6.29 0.58 3.90
N PRO A 14 6.09 -0.32 4.82
CA PRO A 14 6.14 -1.78 4.53
C PRO A 14 4.96 -2.23 3.66
N ASN A 15 5.17 -3.15 2.77
CA ASN A 15 4.07 -3.63 1.88
C ASN A 15 3.63 -2.50 0.94
N LEU A 16 4.52 -1.60 0.61
CA LEU A 16 4.18 -0.48 -0.31
C LEU A 16 5.36 -0.27 -1.27
N TYR A 17 5.12 -0.34 -2.55
CA TYR A 17 6.24 -0.18 -3.55
C TYR A 17 5.87 0.82 -4.63
N ILE A 18 6.62 0.79 -5.70
CA ILE A 18 6.37 1.71 -6.86
C ILE A 18 6.27 0.86 -8.13
N ARG A 19 5.38 1.21 -9.03
CA ARG A 19 5.22 0.41 -10.28
C ARG A 19 6.19 0.95 -11.33
N ASN A 20 6.47 0.19 -12.35
CA ASN A 20 7.41 0.66 -13.39
C ASN A 20 6.86 1.96 -14.02
N ASN A 21 5.59 2.21 -13.85
CA ASN A 21 5.01 3.46 -14.43
C ASN A 21 5.14 4.58 -13.39
N GLY A 22 5.69 4.28 -12.25
CA GLY A 22 5.85 5.33 -11.20
C GLY A 22 4.59 5.38 -10.34
N TYR A 23 3.69 4.46 -10.51
CA TYR A 23 2.43 4.46 -9.70
C TYR A 23 2.69 3.71 -8.39
N TYR A 24 2.14 4.18 -7.30
CA TYR A 24 2.36 3.48 -6.01
C TYR A 24 1.40 2.28 -5.93
N CYS A 25 1.80 1.24 -5.24
CA CYS A 25 0.93 0.04 -5.14
C CYS A 25 1.15 -0.66 -3.80
N TYR A 26 0.08 -1.05 -3.15
CA TYR A 26 0.21 -1.75 -1.83
C TYR A 26 0.11 -3.25 -2.07
N ARG A 27 0.67 -4.06 -1.21
CA ARG A 27 0.61 -5.55 -1.39
C ARG A 27 -0.14 -6.17 -0.20
N ASP A 28 -1.31 -6.69 -0.44
CA ASP A 28 -2.10 -7.31 0.67
C ASP A 28 -1.49 -8.68 1.03
N PRO A 29 -1.62 -9.13 2.26
CA PRO A 29 -1.07 -10.44 2.70
C PRO A 29 -2.09 -11.59 2.56
N ARG A 30 -3.36 -11.29 2.54
CA ARG A 30 -4.40 -12.37 2.43
C ARG A 30 -4.71 -12.66 0.96
N THR A 31 -4.54 -11.69 0.09
CA THR A 31 -4.81 -11.92 -1.37
C THR A 31 -3.48 -12.02 -2.10
N GLY A 32 -2.43 -11.53 -1.50
CA GLY A 32 -1.09 -11.59 -2.15
C GLY A 32 -1.08 -10.70 -3.40
N LYS A 33 -2.23 -10.24 -3.81
CA LYS A 33 -2.29 -9.37 -5.01
C LYS A 33 -1.79 -7.96 -4.64
N GLU A 34 -2.10 -6.98 -5.46
CA GLU A 34 -1.67 -5.57 -5.17
C GLU A 34 -2.85 -4.62 -5.26
N PHE A 35 -2.63 -3.36 -5.03
CA PHE A 35 -3.74 -2.35 -5.10
C PHE A 35 -3.17 -1.04 -5.66
N GLY A 36 -3.67 -0.62 -6.80
CA GLY A 36 -3.16 0.65 -7.39
C GLY A 36 -3.70 1.84 -6.59
N LEU A 37 -2.84 2.70 -6.13
CA LEU A 37 -3.28 3.89 -5.34
C LEU A 37 -3.18 5.16 -6.19
N GLY A 38 -2.04 5.38 -6.77
CA GLY A 38 -1.84 6.59 -7.61
C GLY A 38 -0.36 7.00 -7.54
N ARG A 39 -0.03 8.12 -8.11
CA ARG A 39 1.40 8.58 -8.09
C ARG A 39 1.59 9.57 -6.96
N ASP A 40 0.61 9.73 -6.12
CA ASP A 40 0.72 10.70 -4.99
C ASP A 40 1.21 10.01 -3.72
N ARG A 41 2.49 10.13 -3.44
CA ARG A 41 3.05 9.50 -2.22
C ARG A 41 2.27 10.01 -0.99
N ARG A 42 1.58 11.10 -1.14
CA ARG A 42 0.79 11.66 -0.01
C ARG A 42 -0.47 10.82 0.18
N ILE A 43 -1.24 10.66 -0.87
CA ILE A 43 -2.49 9.87 -0.76
C ILE A 43 -2.14 8.38 -0.73
N ALA A 44 -1.16 7.97 -1.47
CA ALA A 44 -0.79 6.52 -1.48
C ALA A 44 -0.38 6.06 -0.08
N ILE A 45 0.63 6.67 0.49
CA ILE A 45 1.05 6.25 1.86
C ILE A 45 -0.16 6.21 2.78
N THR A 46 -1.06 7.16 2.65
CA THR A 46 -2.25 7.17 3.53
C THR A 46 -2.99 5.83 3.42
N GLU A 47 -3.29 5.38 2.23
CA GLU A 47 -4.00 4.10 2.07
C GLU A 47 -3.14 2.97 2.63
N ALA A 48 -1.87 3.02 2.37
CA ALA A 48 -0.96 1.95 2.87
C ALA A 48 -0.96 1.94 4.41
N ILE A 49 -0.98 3.09 5.03
CA ILE A 49 -0.97 3.14 6.52
C ILE A 49 -2.19 2.42 7.10
N GLN A 50 -3.37 2.77 6.66
CA GLN A 50 -4.56 2.08 7.22
C GLN A 50 -4.45 0.59 6.95
N ALA A 51 -3.82 0.22 5.88
CA ALA A 51 -3.65 -1.23 5.58
C ALA A 51 -2.76 -1.85 6.65
N ASN A 52 -1.72 -1.16 7.04
CA ASN A 52 -0.82 -1.69 8.08
C ASN A 52 -1.55 -1.74 9.43
N ILE A 53 -2.34 -0.75 9.71
CA ILE A 53 -3.09 -0.75 11.01
C ILE A 53 -4.15 -1.85 10.97
N GLU A 54 -4.64 -2.16 9.81
CA GLU A 54 -5.67 -3.24 9.70
C GLU A 54 -4.98 -4.59 9.96
N LEU A 55 -3.69 -4.65 9.78
CA LEU A 55 -2.97 -5.93 10.03
C LEU A 55 -3.17 -6.35 11.49
N PHE A 56 -3.19 -5.39 12.39
CA PHE A 56 -3.39 -5.70 13.84
C PHE A 56 -4.82 -5.34 14.25
N SER A 57 -5.41 -4.39 13.59
CA SER A 57 -6.82 -3.99 13.94
C SER A 57 -7.80 -4.74 13.02
N GLY A 58 -7.62 -6.02 12.88
CA GLY A 58 -8.53 -6.81 12.01
C GLY A 58 -9.69 -7.34 12.84
N HIS A 59 -9.82 -6.89 14.05
CA HIS A 59 -10.93 -7.37 14.92
C HIS A 59 -12.25 -7.30 14.16
N ASP A 11 13.06 3.60 0.93
CA ASP A 11 12.59 4.48 2.03
C ASP A 11 11.06 4.43 2.10
N LEU A 12 10.45 3.67 1.24
CA LEU A 12 8.96 3.59 1.24
C LEU A 12 8.49 2.60 2.32
N PRO A 13 7.32 2.78 2.88
CA PRO A 13 6.79 1.86 3.93
C PRO A 13 6.58 0.46 3.34
N PRO A 14 6.50 -0.55 4.17
CA PRO A 14 6.31 -1.95 3.70
C PRO A 14 4.93 -2.17 3.08
N ASN A 15 4.72 -3.32 2.48
CA ASN A 15 3.41 -3.60 1.83
C ASN A 15 3.10 -2.53 0.79
N LEU A 16 4.03 -1.63 0.57
CA LEU A 16 3.82 -0.53 -0.45
C LEU A 16 5.04 -0.49 -1.37
N TYR A 17 4.83 -0.45 -2.66
CA TYR A 17 5.97 -0.41 -3.62
C TYR A 17 5.73 0.65 -4.70
N ILE A 18 6.47 0.55 -5.77
CA ILE A 18 6.31 1.52 -6.90
C ILE A 18 6.23 0.73 -8.20
N ARG A 19 5.40 1.15 -9.11
CA ARG A 19 5.27 0.41 -10.40
C ARG A 19 6.28 0.98 -11.40
N ASN A 20 6.61 0.23 -12.41
CA ASN A 20 7.61 0.71 -13.42
C ASN A 20 7.10 2.03 -14.02
N ASN A 21 5.83 2.29 -13.90
CA ASN A 21 5.27 3.55 -14.44
C ASN A 21 5.42 4.63 -13.36
N GLY A 22 5.91 4.25 -12.21
CA GLY A 22 6.08 5.22 -11.10
C GLY A 22 4.78 5.31 -10.29
N TYR A 23 3.85 4.43 -10.54
CA TYR A 23 2.56 4.46 -9.78
C TYR A 23 2.75 3.66 -8.47
N TYR A 24 2.20 4.13 -7.38
CA TYR A 24 2.36 3.39 -6.10
C TYR A 24 1.34 2.26 -6.04
N CYS A 25 1.65 1.19 -5.34
CA CYS A 25 0.70 0.03 -5.25
C CYS A 25 0.82 -0.64 -3.88
N TYR A 26 -0.29 -0.91 -3.25
CA TYR A 26 -0.25 -1.58 -1.90
C TYR A 26 -0.46 -3.08 -2.11
N ARG A 27 0.29 -3.89 -1.41
CA ARG A 27 0.15 -5.38 -1.55
C ARG A 27 -0.48 -5.98 -0.30
N ASP A 28 -1.64 -6.53 -0.42
CA ASP A 28 -2.30 -7.13 0.77
C ASP A 28 -1.53 -8.42 1.15
N PRO A 29 -1.37 -8.71 2.42
CA PRO A 29 -0.64 -9.93 2.88
C PRO A 29 -1.50 -11.20 2.91
N ARG A 30 -2.80 -11.07 2.71
CA ARG A 30 -3.68 -12.29 2.75
C ARG A 30 -3.79 -12.89 1.35
N THR A 31 -3.58 -12.10 0.33
CA THR A 31 -3.70 -12.62 -1.07
C THR A 31 -2.42 -12.29 -1.85
N GLY A 32 -1.69 -11.30 -1.41
CA GLY A 32 -0.43 -10.93 -2.09
C GLY A 32 -0.73 -10.16 -3.38
N LYS A 33 -1.98 -9.92 -3.67
CA LYS A 33 -2.32 -9.17 -4.92
C LYS A 33 -1.97 -7.69 -4.70
N GLU A 34 -2.19 -6.86 -5.70
CA GLU A 34 -1.86 -5.40 -5.55
C GLU A 34 -3.04 -4.53 -6.01
N PHE A 35 -3.06 -3.29 -5.59
CA PHE A 35 -4.16 -2.36 -6.00
C PHE A 35 -3.52 -0.99 -6.31
N GLY A 36 -3.77 -0.46 -7.49
CA GLY A 36 -3.17 0.87 -7.84
C GLY A 36 -3.75 1.98 -6.96
N LEU A 37 -2.91 2.81 -6.42
CA LEU A 37 -3.38 3.93 -5.54
C LEU A 37 -3.28 5.24 -6.32
N GLY A 38 -2.16 5.46 -6.95
CA GLY A 38 -1.96 6.71 -7.73
C GLY A 38 -0.49 7.13 -7.59
N ARG A 39 -0.11 8.21 -8.18
CA ARG A 39 1.32 8.65 -8.09
C ARG A 39 1.48 9.58 -6.89
N ASP A 40 0.47 9.67 -6.06
CA ASP A 40 0.55 10.57 -4.87
C ASP A 40 1.08 9.80 -3.66
N ARG A 41 2.34 9.98 -3.38
CA ARG A 41 2.98 9.29 -2.23
C ARG A 41 2.27 9.66 -0.92
N ARG A 42 1.56 10.75 -0.93
CA ARG A 42 0.83 11.19 0.28
C ARG A 42 -0.43 10.35 0.44
N ILE A 43 -1.19 10.22 -0.61
CA ILE A 43 -2.44 9.42 -0.55
C ILE A 43 -2.08 7.94 -0.56
N ALA A 44 -1.08 7.57 -1.31
CA ALA A 44 -0.69 6.13 -1.36
C ALA A 44 -0.24 5.68 0.03
N ILE A 45 0.71 6.35 0.60
CA ILE A 45 1.20 5.96 1.96
C ILE A 45 0.03 5.98 2.95
N THR A 46 -0.83 6.95 2.86
CA THR A 46 -1.99 7.02 3.80
C THR A 46 -2.69 5.65 3.83
N GLU A 47 -3.03 5.16 2.67
CA GLU A 47 -3.72 3.84 2.60
C GLU A 47 -2.82 2.76 3.16
N ALA A 48 -1.55 2.86 2.90
CA ALA A 48 -0.59 1.83 3.42
C ALA A 48 -0.70 1.78 4.95
N ILE A 49 -0.58 2.90 5.60
CA ILE A 49 -0.64 2.93 7.09
C ILE A 49 -1.99 2.41 7.58
N GLN A 50 -3.07 2.88 7.02
CA GLN A 50 -4.41 2.41 7.47
C GLN A 50 -4.46 0.91 7.27
N ALA A 51 -3.99 0.45 6.15
CA ALA A 51 -4.00 -1.01 5.86
C ALA A 51 -3.10 -1.70 6.88
N ASN A 52 -2.06 -1.04 7.32
CA ASN A 52 -1.15 -1.67 8.31
C ASN A 52 -1.87 -1.77 9.66
N ILE A 53 -2.52 -0.73 10.07
CA ILE A 53 -3.24 -0.76 11.38
C ILE A 53 -4.44 -1.70 11.26
N GLU A 54 -5.09 -1.68 10.14
CA GLU A 54 -6.28 -2.56 9.95
C GLU A 54 -5.81 -4.02 9.89
N LEU A 55 -4.57 -4.24 9.56
CA LEU A 55 -4.08 -5.65 9.49
C LEU A 55 -4.16 -6.25 10.90
N PHE A 56 -4.37 -5.42 11.91
CA PHE A 56 -4.47 -5.91 13.32
C PHE A 56 -5.87 -5.60 13.86
N SER A 57 -6.46 -4.52 13.42
CA SER A 57 -7.82 -4.13 13.91
C SER A 57 -8.88 -4.54 12.87
N GLY A 58 -8.96 -5.81 12.56
CA GLY A 58 -9.97 -6.25 11.56
C GLY A 58 -10.10 -7.78 11.61
N HIS A 59 -10.99 -8.33 10.83
CA HIS A 59 -11.17 -9.81 10.83
C HIS A 59 -11.89 -10.24 9.55
N ASP A 11 12.93 2.23 2.05
CA ASP A 11 12.65 3.68 2.24
C ASP A 11 11.13 3.90 2.24
N LEU A 12 10.44 3.29 1.32
CA LEU A 12 8.96 3.46 1.27
C LEU A 12 8.31 2.56 2.33
N PRO A 13 7.17 2.94 2.88
CA PRO A 13 6.48 2.12 3.91
C PRO A 13 6.54 0.62 3.58
N PRO A 14 6.39 -0.23 4.58
CA PRO A 14 6.43 -1.71 4.35
C PRO A 14 5.20 -2.20 3.59
N ASN A 15 5.33 -3.30 2.89
CA ASN A 15 4.18 -3.84 2.11
C ASN A 15 3.83 -2.92 0.93
N LEU A 16 4.38 -1.73 0.89
CA LEU A 16 4.06 -0.81 -0.25
C LEU A 16 5.16 -0.89 -1.30
N TYR A 17 4.79 -0.83 -2.56
CA TYR A 17 5.79 -0.91 -3.66
C TYR A 17 5.48 0.14 -4.71
N ILE A 18 6.26 0.19 -5.76
CA ILE A 18 6.00 1.18 -6.85
C ILE A 18 6.18 0.50 -8.21
N ARG A 19 5.41 0.93 -9.18
CA ARG A 19 5.51 0.34 -10.54
C ARG A 19 6.54 1.14 -11.37
N ASN A 20 7.10 0.52 -12.37
CA ASN A 20 8.10 1.27 -13.21
C ASN A 20 7.45 2.50 -13.83
N ASN A 21 6.15 2.60 -13.73
CA ASN A 21 5.45 3.78 -14.31
C ASN A 21 5.40 4.89 -13.27
N GLY A 22 5.97 4.64 -12.12
CA GLY A 22 5.97 5.67 -11.04
C GLY A 22 4.65 5.60 -10.27
N TYR A 23 3.83 4.63 -10.58
CA TYR A 23 2.51 4.49 -9.87
C TYR A 23 2.75 3.73 -8.56
N TYR A 24 2.14 4.15 -7.48
CA TYR A 24 2.34 3.43 -6.20
C TYR A 24 1.40 2.22 -6.14
N CYS A 25 1.75 1.22 -5.39
CA CYS A 25 0.89 0.01 -5.30
C CYS A 25 1.05 -0.65 -3.93
N TYR A 26 -0.03 -0.98 -3.28
CA TYR A 26 0.06 -1.65 -1.94
C TYR A 26 -0.19 -3.14 -2.10
N ARG A 27 0.49 -3.96 -1.34
CA ARG A 27 0.30 -5.44 -1.45
C ARG A 27 -0.57 -5.93 -0.30
N ASP A 28 -1.72 -6.48 -0.60
CA ASP A 28 -2.62 -6.96 0.48
C ASP A 28 -2.06 -8.26 1.09
N PRO A 29 -2.29 -8.51 2.36
CA PRO A 29 -1.81 -9.74 3.06
C PRO A 29 -2.76 -10.93 2.91
N ARG A 30 -3.83 -10.78 2.17
CA ARG A 30 -4.81 -11.91 2.01
C ARG A 30 -4.37 -12.83 0.88
N THR A 31 -4.18 -12.30 -0.30
CA THR A 31 -3.77 -13.14 -1.47
C THR A 31 -2.41 -12.70 -1.99
N GLY A 32 -1.98 -11.51 -1.66
CA GLY A 32 -0.65 -11.02 -2.11
C GLY A 32 -0.78 -10.20 -3.40
N LYS A 33 -1.97 -9.91 -3.84
CA LYS A 33 -2.13 -9.09 -5.08
C LYS A 33 -1.75 -7.65 -4.79
N GLU A 34 -1.92 -6.78 -5.76
CA GLU A 34 -1.55 -5.34 -5.57
C GLU A 34 -2.80 -4.46 -5.74
N PHE A 35 -2.71 -3.21 -5.35
CA PHE A 35 -3.87 -2.28 -5.47
C PHE A 35 -3.39 -0.95 -6.05
N GLY A 36 -3.89 -0.57 -7.19
CA GLY A 36 -3.47 0.72 -7.80
C GLY A 36 -3.98 1.86 -6.92
N LEU A 37 -3.07 2.69 -6.44
CA LEU A 37 -3.47 3.83 -5.57
C LEU A 37 -3.42 5.13 -6.37
N GLY A 38 -2.30 5.39 -6.98
CA GLY A 38 -2.14 6.64 -7.78
C GLY A 38 -0.67 7.06 -7.74
N ARG A 39 -0.33 8.16 -8.35
CA ARG A 39 1.09 8.61 -8.36
C ARG A 39 1.32 9.57 -7.19
N ASP A 40 0.36 9.71 -6.33
CA ASP A 40 0.51 10.65 -5.18
C ASP A 40 1.03 9.91 -3.95
N ARG A 41 2.29 10.05 -3.65
CA ARG A 41 2.86 9.36 -2.44
C ARG A 41 2.13 9.85 -1.20
N ARG A 42 1.36 10.90 -1.34
CA ARG A 42 0.61 11.45 -0.17
C ARG A 42 -0.58 10.55 0.12
N ILE A 43 -1.40 10.33 -0.86
CA ILE A 43 -2.60 9.47 -0.66
C ILE A 43 -2.16 8.00 -0.60
N ALA A 44 -1.20 7.62 -1.39
CA ALA A 44 -0.74 6.21 -1.38
C ALA A 44 -0.15 5.87 -0.01
N ILE A 45 0.84 6.60 0.44
CA ILE A 45 1.44 6.31 1.78
C ILE A 45 0.34 6.33 2.84
N THR A 46 -0.57 7.27 2.75
CA THR A 46 -1.66 7.35 3.77
C THR A 46 -2.50 6.07 3.77
N GLU A 47 -2.93 5.64 2.62
CA GLU A 47 -3.78 4.42 2.56
C GLU A 47 -2.96 3.19 3.03
N ALA A 48 -1.68 3.19 2.77
CA ALA A 48 -0.84 2.03 3.21
C ALA A 48 -0.93 1.91 4.73
N ILE A 49 -0.83 3.00 5.43
CA ILE A 49 -0.91 2.97 6.92
C ILE A 49 -2.22 2.32 7.36
N GLN A 50 -3.31 2.65 6.73
CA GLN A 50 -4.61 2.04 7.13
C GLN A 50 -4.50 0.52 7.02
N ALA A 51 -3.86 0.05 6.01
CA ALA A 51 -3.70 -1.42 5.85
C ALA A 51 -2.86 -1.95 7.02
N ASN A 52 -1.89 -1.20 7.43
CA ASN A 52 -1.01 -1.63 8.56
C ASN A 52 -1.81 -1.69 9.88
N ILE A 53 -2.68 -0.74 10.10
CA ILE A 53 -3.46 -0.74 11.36
C ILE A 53 -4.44 -1.91 11.36
N GLU A 54 -5.00 -2.23 10.24
CA GLU A 54 -5.95 -3.37 10.18
C GLU A 54 -5.18 -4.69 10.37
N LEU A 55 -3.90 -4.67 10.17
CA LEU A 55 -3.10 -5.91 10.33
C LEU A 55 -3.21 -6.39 11.79
N PHE A 56 -3.10 -5.48 12.73
CA PHE A 56 -3.19 -5.88 14.15
C PHE A 56 -4.67 -6.02 14.54
N SER A 57 -5.55 -5.94 13.59
CA SER A 57 -7.00 -6.05 13.91
C SER A 57 -7.33 -5.12 15.07
N GLY A 58 -6.47 -4.17 15.32
CA GLY A 58 -6.72 -3.21 16.44
C GLY A 58 -6.55 -3.94 17.77
N HIS A 59 -7.17 -5.07 17.93
CA HIS A 59 -7.04 -5.83 19.21
C HIS A 59 -7.53 -7.26 19.01
N ASP A 11 12.65 2.75 2.86
CA ASP A 11 12.23 4.18 2.75
C ASP A 11 10.71 4.26 2.54
N LEU A 12 10.20 3.53 1.58
CA LEU A 12 8.73 3.57 1.33
C LEU A 12 8.02 2.65 2.33
N PRO A 13 6.78 2.95 2.69
CA PRO A 13 6.02 2.11 3.65
C PRO A 13 6.28 0.62 3.46
N PRO A 14 6.10 -0.18 4.48
CA PRO A 14 6.33 -1.66 4.40
C PRO A 14 5.33 -2.36 3.47
N ASN A 15 5.71 -3.47 2.92
CA ASN A 15 4.80 -4.23 2.01
C ASN A 15 4.30 -3.32 0.89
N LEU A 16 4.81 -2.11 0.78
CA LEU A 16 4.36 -1.19 -0.31
C LEU A 16 5.44 -1.11 -1.38
N TYR A 17 5.05 -0.93 -2.62
CA TYR A 17 6.05 -0.87 -3.74
C TYR A 17 5.66 0.23 -4.72
N ILE A 18 6.43 0.35 -5.77
CA ILE A 18 6.12 1.37 -6.80
C ILE A 18 6.42 0.79 -8.18
N ARG A 19 5.65 1.16 -9.17
CA ARG A 19 5.86 0.61 -10.54
C ARG A 19 6.82 1.53 -11.31
N ASN A 20 7.57 0.98 -12.24
CA ASN A 20 8.52 1.81 -13.02
C ASN A 20 7.82 3.04 -13.59
N ASN A 21 6.51 3.04 -13.59
CA ASN A 21 5.77 4.22 -14.11
C ASN A 21 5.54 5.21 -12.98
N GLY A 22 6.02 4.88 -11.81
CA GLY A 22 5.85 5.80 -10.65
C GLY A 22 4.48 5.58 -10.00
N TYR A 23 3.79 4.53 -10.36
CA TYR A 23 2.46 4.27 -9.74
C TYR A 23 2.69 3.54 -8.42
N TYR A 24 2.13 4.04 -7.35
CA TYR A 24 2.34 3.38 -6.03
C TYR A 24 1.36 2.21 -5.89
N CYS A 25 1.75 1.16 -5.21
CA CYS A 25 0.84 0.00 -5.05
C CYS A 25 1.12 -0.72 -3.72
N TYR A 26 0.08 -1.19 -3.06
CA TYR A 26 0.24 -1.91 -1.76
C TYR A 26 -0.11 -3.38 -1.96
N ARG A 27 0.49 -4.27 -1.21
CA ARG A 27 0.19 -5.74 -1.36
C ARG A 27 -0.58 -6.22 -0.13
N ASP A 28 -1.78 -6.66 -0.34
CA ASP A 28 -2.61 -7.16 0.80
C ASP A 28 -2.09 -8.55 1.22
N PRO A 29 -1.87 -8.80 2.50
CA PRO A 29 -1.36 -10.14 2.96
C PRO A 29 -2.44 -11.22 2.93
N ARG A 30 -3.66 -10.86 2.66
CA ARG A 30 -4.76 -11.89 2.62
C ARG A 30 -4.84 -12.47 1.21
N THR A 31 -4.80 -11.64 0.20
CA THR A 31 -4.87 -12.14 -1.21
C THR A 31 -3.50 -12.01 -1.86
N GLY A 32 -2.58 -11.37 -1.19
CA GLY A 32 -1.22 -11.20 -1.78
C GLY A 32 -1.30 -10.41 -3.07
N LYS A 33 -2.47 -10.04 -3.50
CA LYS A 33 -2.59 -9.26 -4.76
C LYS A 33 -2.11 -7.82 -4.50
N GLU A 34 -2.13 -6.99 -5.51
CA GLU A 34 -1.67 -5.58 -5.35
C GLU A 34 -2.88 -4.64 -5.31
N PHE A 35 -2.64 -3.39 -5.01
CA PHE A 35 -3.74 -2.39 -4.95
C PHE A 35 -3.24 -1.07 -5.54
N GLY A 36 -3.74 -0.72 -6.70
CA GLY A 36 -3.30 0.56 -7.33
C GLY A 36 -3.82 1.74 -6.50
N LEU A 37 -2.93 2.62 -6.10
CA LEU A 37 -3.36 3.81 -5.28
C LEU A 37 -3.24 5.08 -6.12
N GLY A 38 -2.32 5.14 -7.04
CA GLY A 38 -2.14 6.36 -7.89
C GLY A 38 -0.68 6.81 -7.81
N ARG A 39 -0.37 7.93 -8.40
CA ARG A 39 1.04 8.44 -8.37
C ARG A 39 1.19 9.47 -7.26
N ASP A 40 0.21 9.59 -6.41
CA ASP A 40 0.29 10.61 -5.31
C ASP A 40 0.88 9.97 -4.05
N ARG A 41 2.14 10.19 -3.80
CA ARG A 41 2.80 9.62 -2.59
C ARG A 41 2.08 10.12 -1.33
N ARG A 42 1.29 11.14 -1.45
CA ARG A 42 0.56 11.68 -0.27
C ARG A 42 -0.62 10.76 0.04
N ILE A 43 -1.50 10.59 -0.91
CA ILE A 43 -2.69 9.74 -0.68
C ILE A 43 -2.27 8.26 -0.72
N ALA A 44 -1.31 7.91 -1.51
CA ALA A 44 -0.88 6.48 -1.58
C ALA A 44 -0.32 6.04 -0.21
N ILE A 45 0.56 6.81 0.37
CA ILE A 45 1.12 6.40 1.70
C ILE A 45 -0.04 6.28 2.70
N THR A 46 -0.99 7.18 2.62
CA THR A 46 -2.13 7.11 3.57
C THR A 46 -2.77 5.72 3.52
N GLU A 47 -3.31 5.34 2.39
CA GLU A 47 -3.95 4.01 2.29
C GLU A 47 -2.97 2.93 2.73
N ALA A 48 -1.73 3.08 2.40
CA ALA A 48 -0.72 2.06 2.84
C ALA A 48 -0.77 1.94 4.37
N ILE A 49 -0.76 3.05 5.06
CA ILE A 49 -0.79 3.03 6.56
C ILE A 49 -2.08 2.40 7.07
N GLN A 50 -3.21 2.76 6.51
CA GLN A 50 -4.49 2.16 7.00
C GLN A 50 -4.38 0.65 6.85
N ALA A 51 -3.79 0.20 5.79
CA ALA A 51 -3.64 -1.26 5.58
C ALA A 51 -2.72 -1.83 6.67
N ASN A 52 -1.73 -1.08 7.07
CA ASN A 52 -0.81 -1.56 8.13
C ASN A 52 -1.56 -1.67 9.45
N ILE A 53 -2.40 -0.73 9.76
CA ILE A 53 -3.15 -0.81 11.04
C ILE A 53 -4.15 -1.96 10.95
N GLU A 54 -4.59 -2.26 9.76
CA GLU A 54 -5.57 -3.38 9.57
C GLU A 54 -4.87 -4.71 9.81
N LEU A 55 -3.57 -4.78 9.64
CA LEU A 55 -2.86 -6.08 9.86
C LEU A 55 -3.00 -6.46 11.34
N PHE A 56 -3.39 -5.53 12.17
CA PHE A 56 -3.55 -5.82 13.62
C PHE A 56 -5.06 -5.81 13.97
N SER A 57 -5.89 -5.81 12.96
CA SER A 57 -7.36 -5.80 13.20
C SER A 57 -7.76 -4.47 13.84
N GLY A 58 -6.88 -3.50 13.83
CA GLY A 58 -7.21 -2.18 14.43
C GLY A 58 -8.11 -1.40 13.46
N HIS A 59 -9.38 -1.36 13.75
CA HIS A 59 -10.31 -0.62 12.84
C HIS A 59 -10.14 0.88 13.05
N ASP A 11 12.39 2.12 1.24
CA ASP A 11 12.18 3.53 1.66
C ASP A 11 10.67 3.78 1.85
N LEU A 12 9.86 3.18 1.02
CA LEU A 12 8.39 3.38 1.15
C LEU A 12 7.86 2.45 2.25
N PRO A 13 6.79 2.81 2.92
CA PRO A 13 6.21 1.96 3.99
C PRO A 13 6.23 0.48 3.59
N PRO A 14 6.19 -0.42 4.55
CA PRO A 14 6.19 -1.89 4.26
C PRO A 14 4.94 -2.30 3.47
N ASN A 15 4.95 -3.47 2.89
CA ASN A 15 3.76 -3.92 2.10
C ASN A 15 3.39 -2.83 1.09
N LEU A 16 4.34 -2.08 0.63
CA LEU A 16 4.06 -0.99 -0.36
C LEU A 16 5.16 -1.00 -1.43
N TYR A 17 4.77 -1.06 -2.68
CA TYR A 17 5.77 -1.07 -3.79
C TYR A 17 5.48 0.09 -4.75
N ILE A 18 6.26 0.20 -5.79
CA ILE A 18 6.03 1.31 -6.79
C ILE A 18 6.26 0.76 -8.20
N ARG A 19 5.57 1.31 -9.16
CA ARG A 19 5.75 0.83 -10.57
C ARG A 19 6.84 1.65 -11.26
N ASN A 20 7.50 1.07 -12.23
CA ASN A 20 8.58 1.82 -12.95
C ASN A 20 7.99 3.08 -13.56
N ASN A 21 6.70 3.15 -13.67
CA ASN A 21 6.06 4.36 -14.27
C ASN A 21 5.82 5.38 -13.16
N GLY A 22 6.16 5.04 -11.94
CA GLY A 22 5.97 5.97 -10.80
C GLY A 22 4.58 5.78 -10.19
N TYR A 23 3.88 4.75 -10.58
CA TYR A 23 2.53 4.51 -10.02
C TYR A 23 2.69 3.73 -8.70
N TYR A 24 2.08 4.19 -7.65
CA TYR A 24 2.22 3.48 -6.35
C TYR A 24 1.26 2.30 -6.29
N CYS A 25 1.60 1.28 -5.53
CA CYS A 25 0.72 0.08 -5.43
C CYS A 25 0.92 -0.59 -4.07
N TYR A 26 -0.15 -0.98 -3.42
CA TYR A 26 -0.03 -1.65 -2.08
C TYR A 26 -0.29 -3.14 -2.25
N ARG A 27 0.49 -3.97 -1.61
CA ARG A 27 0.29 -5.46 -1.74
C ARG A 27 -0.40 -5.99 -0.48
N ASP A 28 -1.62 -6.45 -0.61
CA ASP A 28 -2.36 -6.97 0.58
C ASP A 28 -1.76 -8.31 1.05
N PRO A 29 -1.64 -8.54 2.35
CA PRO A 29 -1.09 -9.82 2.89
C PRO A 29 -2.15 -10.93 2.96
N ARG A 30 -3.35 -10.64 2.55
CA ARG A 30 -4.44 -11.66 2.62
C ARG A 30 -4.41 -12.54 1.37
N THR A 31 -4.13 -11.95 0.24
CA THR A 31 -4.09 -12.74 -1.04
C THR A 31 -2.74 -12.49 -1.74
N GLY A 32 -2.11 -11.39 -1.44
CA GLY A 32 -0.78 -11.09 -2.06
C GLY A 32 -0.97 -10.28 -3.35
N LYS A 33 -2.18 -9.94 -3.70
CA LYS A 33 -2.39 -9.17 -4.96
C LYS A 33 -1.97 -7.72 -4.74
N GLU A 34 -2.36 -6.84 -5.63
CA GLU A 34 -1.97 -5.40 -5.51
C GLU A 34 -3.19 -4.49 -5.64
N PHE A 35 -3.00 -3.22 -5.38
CA PHE A 35 -4.12 -2.23 -5.47
C PHE A 35 -3.60 -0.95 -6.12
N GLY A 36 -4.21 -0.51 -7.18
CA GLY A 36 -3.75 0.75 -7.85
C GLY A 36 -4.16 1.96 -7.00
N LEU A 37 -3.20 2.73 -6.54
CA LEU A 37 -3.53 3.94 -5.71
C LEU A 37 -3.37 5.18 -6.58
N GLY A 38 -2.24 5.33 -7.21
CA GLY A 38 -2.00 6.53 -8.06
C GLY A 38 -0.53 6.93 -7.96
N ARG A 39 -0.18 8.08 -8.46
CA ARG A 39 1.24 8.55 -8.39
C ARG A 39 1.40 9.50 -7.21
N ASP A 40 0.42 9.56 -6.34
CA ASP A 40 0.49 10.48 -5.17
C ASP A 40 1.07 9.73 -3.96
N ARG A 41 2.29 10.03 -3.61
CA ARG A 41 2.93 9.36 -2.43
C ARG A 41 2.17 9.77 -1.16
N ARG A 42 1.42 10.82 -1.23
CA ARG A 42 0.65 11.27 -0.04
C ARG A 42 -0.57 10.37 0.14
N ILE A 43 -1.32 10.19 -0.92
CA ILE A 43 -2.54 9.34 -0.83
C ILE A 43 -2.14 7.87 -0.81
N ALA A 44 -1.12 7.51 -1.54
CA ALA A 44 -0.68 6.09 -1.57
C ALA A 44 -0.20 5.67 -0.18
N ILE A 45 0.71 6.41 0.40
CA ILE A 45 1.20 6.04 1.76
C ILE A 45 0.02 5.94 2.73
N THR A 46 -0.93 6.83 2.61
CA THR A 46 -2.11 6.79 3.53
C THR A 46 -2.76 5.40 3.50
N GLU A 47 -3.03 4.90 2.33
CA GLU A 47 -3.68 3.57 2.22
C GLU A 47 -2.76 2.49 2.79
N ALA A 48 -1.50 2.62 2.55
CA ALA A 48 -0.54 1.60 3.09
C ALA A 48 -0.57 1.62 4.63
N ILE A 49 -0.56 2.78 5.22
CA ILE A 49 -0.56 2.87 6.71
C ILE A 49 -1.83 2.23 7.30
N GLN A 50 -2.98 2.71 6.93
CA GLN A 50 -4.24 2.13 7.50
C GLN A 50 -4.24 0.62 7.26
N ALA A 51 -3.55 0.17 6.26
CA ALA A 51 -3.51 -1.29 6.00
C ALA A 51 -2.73 -1.95 7.14
N ASN A 52 -1.65 -1.34 7.56
CA ASN A 52 -0.84 -1.91 8.67
C ASN A 52 -1.59 -1.81 9.99
N ILE A 53 -2.26 -0.70 10.23
CA ILE A 53 -3.00 -0.54 11.51
C ILE A 53 -4.17 -1.52 11.54
N GLU A 54 -4.72 -1.83 10.41
CA GLU A 54 -5.86 -2.80 10.37
C GLU A 54 -5.31 -4.20 10.65
N LEU A 55 -4.06 -4.43 10.38
CA LEU A 55 -3.48 -5.77 10.62
C LEU A 55 -3.54 -6.10 12.12
N PHE A 56 -3.24 -5.14 12.96
CA PHE A 56 -3.28 -5.38 14.43
C PHE A 56 -4.72 -5.23 14.93
N SER A 57 -5.66 -5.11 14.03
CA SER A 57 -7.10 -4.95 14.44
C SER A 57 -7.97 -5.82 13.53
N GLY A 58 -7.42 -6.86 12.97
CA GLY A 58 -8.22 -7.73 12.07
C GLY A 58 -9.35 -8.39 12.86
N HIS A 59 -9.02 -9.32 13.72
CA HIS A 59 -10.08 -10.00 14.52
C HIS A 59 -10.53 -9.07 15.63
N ASP A 11 12.90 2.37 1.40
CA ASP A 11 12.56 3.37 2.45
C ASP A 11 11.05 3.62 2.44
N LEU A 12 10.35 3.07 1.49
CA LEU A 12 8.88 3.29 1.44
C LEU A 12 8.19 2.31 2.40
N PRO A 13 7.07 2.71 2.99
CA PRO A 13 6.31 1.83 3.94
C PRO A 13 6.33 0.36 3.50
N PRO A 14 6.10 -0.56 4.40
CA PRO A 14 6.08 -2.02 4.08
C PRO A 14 4.85 -2.40 3.25
N ASN A 15 4.86 -3.57 2.67
CA ASN A 15 3.69 -4.01 1.85
C ASN A 15 3.32 -2.91 0.84
N LEU A 16 4.23 -2.02 0.55
CA LEU A 16 3.96 -0.91 -0.42
C LEU A 16 5.06 -0.91 -1.48
N TYR A 17 4.69 -0.97 -2.74
CA TYR A 17 5.72 -0.98 -3.84
C TYR A 17 5.48 0.19 -4.78
N ILE A 18 6.39 0.37 -5.71
CA ILE A 18 6.25 1.50 -6.70
C ILE A 18 6.56 0.95 -8.10
N ARG A 19 5.75 1.27 -9.08
CA ARG A 19 6.00 0.76 -10.46
C ARG A 19 6.90 1.74 -11.23
N ASN A 20 7.70 1.24 -12.14
CA ASN A 20 8.60 2.14 -12.92
C ASN A 20 7.75 3.24 -13.56
N ASN A 21 6.46 3.12 -13.49
CA ASN A 21 5.57 4.16 -14.09
C ASN A 21 5.27 5.24 -13.05
N GLY A 22 5.82 5.10 -11.87
CA GLY A 22 5.59 6.12 -10.81
C GLY A 22 4.26 5.84 -10.12
N TYR A 23 3.60 4.77 -10.46
CA TYR A 23 2.29 4.44 -9.81
C TYR A 23 2.55 3.61 -8.56
N TYR A 24 1.98 4.00 -7.46
CA TYR A 24 2.18 3.24 -6.19
C TYR A 24 1.18 2.09 -6.13
N CYS A 25 1.47 1.06 -5.38
CA CYS A 25 0.54 -0.09 -5.28
C CYS A 25 0.73 -0.78 -3.93
N TYR A 26 -0.34 -1.00 -3.22
CA TYR A 26 -0.23 -1.69 -1.89
C TYR A 26 -0.50 -3.17 -2.07
N ARG A 27 0.17 -4.00 -1.30
CA ARG A 27 -0.02 -5.49 -1.43
C ARG A 27 -0.50 -6.06 -0.10
N ASP A 28 -1.67 -6.64 -0.09
CA ASP A 28 -2.18 -7.24 1.18
C ASP A 28 -1.44 -8.57 1.45
N PRO A 29 -1.07 -8.86 2.68
CA PRO A 29 -0.35 -10.12 3.03
C PRO A 29 -1.31 -11.32 3.20
N ARG A 30 -2.52 -11.22 2.71
CA ARG A 30 -3.49 -12.35 2.87
C ARG A 30 -3.31 -13.32 1.68
N THR A 31 -3.67 -12.90 0.50
CA THR A 31 -3.53 -13.79 -0.70
C THR A 31 -2.38 -13.29 -1.57
N GLY A 32 -1.99 -12.05 -1.41
CA GLY A 32 -0.86 -11.50 -2.21
C GLY A 32 -1.39 -10.64 -3.36
N LYS A 33 -2.62 -10.23 -3.31
CA LYS A 33 -3.17 -9.38 -4.41
C LYS A 33 -2.59 -7.96 -4.28
N GLU A 34 -2.94 -7.07 -5.20
CA GLU A 34 -2.40 -5.67 -5.14
C GLU A 34 -3.56 -4.66 -5.18
N PHE A 35 -3.27 -3.43 -4.82
CA PHE A 35 -4.32 -2.36 -4.83
C PHE A 35 -3.72 -1.10 -5.49
N GLY A 36 -4.45 -0.49 -6.39
CA GLY A 36 -3.93 0.73 -7.07
C GLY A 36 -4.31 1.97 -6.26
N LEU A 37 -3.36 2.85 -6.00
CA LEU A 37 -3.64 4.09 -5.21
C LEU A 37 -3.51 5.32 -6.11
N GLY A 38 -2.39 5.46 -6.76
CA GLY A 38 -2.17 6.64 -7.65
C GLY A 38 -0.67 6.95 -7.71
N ARG A 39 -0.31 8.05 -8.32
CA ARG A 39 1.15 8.41 -8.41
C ARG A 39 1.52 9.38 -7.29
N ASP A 40 0.61 9.62 -6.38
CA ASP A 40 0.90 10.57 -5.26
C ASP A 40 1.39 9.81 -4.03
N ARG A 41 2.68 9.86 -3.77
CA ARG A 41 3.22 9.16 -2.57
C ARG A 41 2.51 9.69 -1.32
N ARG A 42 1.92 10.85 -1.45
CA ARG A 42 1.22 11.45 -0.30
C ARG A 42 -0.08 10.69 -0.05
N ILE A 43 -0.85 10.49 -1.08
CA ILE A 43 -2.13 9.76 -0.93
C ILE A 43 -1.84 8.26 -0.80
N ALA A 44 -0.87 7.77 -1.53
CA ALA A 44 -0.54 6.33 -1.46
C ALA A 44 -0.02 5.98 -0.06
N ILE A 45 1.01 6.63 0.39
CA ILE A 45 1.55 6.33 1.74
C ILE A 45 0.43 6.44 2.78
N THR A 46 -0.47 7.37 2.59
CA THR A 46 -1.60 7.51 3.57
C THR A 46 -2.34 6.17 3.67
N GLU A 47 -2.87 5.70 2.58
CA GLU A 47 -3.62 4.41 2.60
C GLU A 47 -2.71 3.28 3.09
N ALA A 48 -1.50 3.27 2.62
CA ALA A 48 -0.55 2.19 3.07
C ALA A 48 -0.55 2.13 4.59
N ILE A 49 -0.53 3.27 5.24
CA ILE A 49 -0.53 3.29 6.73
C ILE A 49 -1.83 2.70 7.28
N GLN A 50 -2.96 3.19 6.82
CA GLN A 50 -4.25 2.65 7.33
C GLN A 50 -4.31 1.17 6.97
N ALA A 51 -3.68 0.80 5.90
CA ALA A 51 -3.67 -0.63 5.49
C ALA A 51 -2.97 -1.45 6.57
N ASN A 52 -1.93 -0.91 7.15
CA ASN A 52 -1.20 -1.65 8.20
C ASN A 52 -2.12 -1.85 9.41
N ILE A 53 -2.95 -0.88 9.71
CA ILE A 53 -3.87 -1.03 10.87
C ILE A 53 -4.92 -2.10 10.54
N GLU A 54 -5.25 -2.24 9.28
CA GLU A 54 -6.26 -3.25 8.88
C GLU A 54 -5.67 -4.65 9.05
N LEU A 55 -4.36 -4.78 9.02
CA LEU A 55 -3.74 -6.12 9.19
C LEU A 55 -4.11 -6.67 10.56
N PHE A 56 -4.71 -5.86 11.39
CA PHE A 56 -5.13 -6.32 12.76
C PHE A 56 -6.59 -5.95 12.98
N SER A 57 -7.23 -5.42 11.97
CA SER A 57 -8.67 -5.03 12.11
C SER A 57 -8.83 -4.11 13.33
N GLY A 58 -7.76 -3.52 13.77
CA GLY A 58 -7.86 -2.61 14.95
C GLY A 58 -8.56 -3.35 16.09
N HIS A 59 -8.46 -4.64 16.12
CA HIS A 59 -9.13 -5.42 17.20
C HIS A 59 -10.59 -4.99 17.32
N ASP A 11 12.64 3.14 1.51
CA ASP A 11 12.19 4.16 2.51
C ASP A 11 10.67 4.27 2.46
N LEU A 12 10.05 3.57 1.55
CA LEU A 12 8.56 3.65 1.45
C LEU A 12 7.93 2.73 2.51
N PRO A 13 6.75 3.05 3.00
CA PRO A 13 6.05 2.20 4.01
C PRO A 13 6.20 0.71 3.70
N PRO A 14 6.07 -0.14 4.69
CA PRO A 14 6.20 -1.61 4.49
C PRO A 14 5.06 -2.20 3.66
N ASN A 15 5.24 -3.38 3.13
CA ASN A 15 4.18 -4.01 2.30
C ASN A 15 3.73 -3.05 1.19
N LEU A 16 4.59 -2.17 0.76
CA LEU A 16 4.23 -1.21 -0.33
C LEU A 16 5.39 -1.12 -1.31
N TYR A 17 5.11 -0.89 -2.58
CA TYR A 17 6.21 -0.81 -3.59
C TYR A 17 5.94 0.34 -4.56
N ILE A 18 6.69 0.34 -5.64
CA ILE A 18 6.52 1.40 -6.68
C ILE A 18 6.55 0.73 -8.06
N ARG A 19 5.68 1.10 -8.95
CA ARG A 19 5.67 0.46 -10.30
C ARG A 19 6.60 1.24 -11.24
N ASN A 20 7.30 0.55 -12.10
CA ASN A 20 8.23 1.23 -13.02
C ASN A 20 7.50 2.38 -13.73
N ASN A 21 6.20 2.43 -13.60
CA ASN A 21 5.42 3.51 -14.25
C ASN A 21 5.32 4.71 -13.30
N GLY A 22 5.91 4.60 -12.14
CA GLY A 22 5.85 5.73 -11.16
C GLY A 22 4.55 5.66 -10.36
N TYR A 23 3.77 4.63 -10.56
CA TYR A 23 2.49 4.49 -9.82
C TYR A 23 2.75 3.76 -8.49
N TYR A 24 2.20 4.23 -7.41
CA TYR A 24 2.42 3.54 -6.11
C TYR A 24 1.39 2.41 -5.98
N CYS A 25 1.74 1.34 -5.32
CA CYS A 25 0.78 0.20 -5.17
C CYS A 25 1.04 -0.55 -3.87
N TYR A 26 -0.01 -1.00 -3.22
CA TYR A 26 0.15 -1.76 -1.94
C TYR A 26 -0.09 -3.25 -2.20
N ARG A 27 0.40 -4.10 -1.35
CA ARG A 27 0.20 -5.58 -1.54
C ARG A 27 -0.33 -6.21 -0.25
N ASP A 28 -1.54 -6.70 -0.27
CA ASP A 28 -2.11 -7.33 0.96
C ASP A 28 -1.45 -8.70 1.17
N PRO A 29 -1.16 -9.10 2.39
CA PRO A 29 -0.53 -10.42 2.68
C PRO A 29 -1.55 -11.56 2.74
N ARG A 30 -2.81 -11.23 2.96
CA ARG A 30 -3.85 -12.29 3.05
C ARG A 30 -4.42 -12.57 1.65
N THR A 31 -4.36 -11.61 0.76
CA THR A 31 -4.86 -11.82 -0.63
C THR A 31 -3.66 -11.91 -1.57
N GLY A 32 -2.54 -11.39 -1.15
CA GLY A 32 -1.32 -11.45 -2.02
C GLY A 32 -1.53 -10.58 -3.26
N LYS A 33 -2.73 -10.13 -3.49
CA LYS A 33 -2.99 -9.28 -4.69
C LYS A 33 -2.45 -7.87 -4.46
N GLU A 34 -2.61 -7.00 -5.43
CA GLU A 34 -2.11 -5.59 -5.29
C GLU A 34 -3.28 -4.60 -5.30
N PHE A 35 -3.01 -3.37 -4.96
CA PHE A 35 -4.08 -2.31 -4.94
C PHE A 35 -3.52 -1.04 -5.59
N GLY A 36 -4.15 -0.57 -6.64
CA GLY A 36 -3.65 0.66 -7.31
C GLY A 36 -4.06 1.89 -6.51
N LEU A 37 -3.10 2.71 -6.14
CA LEU A 37 -3.42 3.95 -5.36
C LEU A 37 -3.31 5.17 -6.27
N GLY A 38 -2.12 5.56 -6.61
CA GLY A 38 -1.94 6.74 -7.50
C GLY A 38 -0.46 7.11 -7.59
N ARG A 39 -0.14 8.25 -8.14
CA ARG A 39 1.29 8.68 -8.26
C ARG A 39 1.63 9.64 -7.12
N ASP A 40 0.68 9.93 -6.26
CA ASP A 40 0.95 10.86 -5.12
C ASP A 40 1.24 10.06 -3.85
N ARG A 41 2.49 9.92 -3.51
CA ARG A 41 2.84 9.16 -2.28
C ARG A 41 2.09 9.74 -1.09
N ARG A 42 1.63 10.97 -1.20
CA ARG A 42 0.90 11.58 -0.07
C ARG A 42 -0.43 10.86 0.08
N ILE A 43 -1.14 10.73 -1.00
CA ILE A 43 -2.44 10.02 -0.93
C ILE A 43 -2.16 8.51 -0.90
N ALA A 44 -1.14 8.08 -1.57
CA ALA A 44 -0.80 6.62 -1.57
C ALA A 44 -0.37 6.19 -0.17
N ILE A 45 0.59 6.87 0.41
CA ILE A 45 1.06 6.47 1.78
C ILE A 45 -0.15 6.47 2.73
N THR A 46 -1.08 7.37 2.55
CA THR A 46 -2.27 7.41 3.45
C THR A 46 -2.95 6.03 3.42
N GLU A 47 -3.28 5.54 2.26
CA GLU A 47 -3.96 4.22 2.17
C GLU A 47 -3.02 3.13 2.69
N ALA A 48 -1.77 3.23 2.39
CA ALA A 48 -0.80 2.20 2.86
C ALA A 48 -0.85 2.11 4.39
N ILE A 49 -0.93 3.24 5.05
CA ILE A 49 -0.96 3.22 6.55
C ILE A 49 -2.19 2.45 7.04
N GLN A 50 -3.33 2.68 6.45
CA GLN A 50 -4.54 1.93 6.91
C GLN A 50 -4.29 0.44 6.76
N ALA A 51 -3.47 0.08 5.82
CA ALA A 51 -3.14 -1.36 5.63
C ALA A 51 -2.39 -1.88 6.86
N ASN A 52 -1.58 -1.05 7.46
CA ASN A 52 -0.82 -1.49 8.66
C ASN A 52 -1.79 -1.73 9.82
N ILE A 53 -2.83 -0.95 9.90
CA ILE A 53 -3.82 -1.15 11.01
C ILE A 53 -4.61 -2.41 10.69
N GLU A 54 -4.86 -2.64 9.44
CA GLU A 54 -5.61 -3.85 9.02
C GLU A 54 -4.74 -5.07 9.30
N LEU A 55 -3.45 -4.87 9.28
CA LEU A 55 -2.51 -5.99 9.53
C LEU A 55 -2.87 -6.66 10.88
N PHE A 56 -3.37 -5.89 11.81
CA PHE A 56 -3.75 -6.47 13.13
C PHE A 56 -5.18 -7.01 13.07
N SER A 57 -5.76 -7.05 11.90
CA SER A 57 -7.15 -7.56 11.76
C SER A 57 -8.13 -6.51 12.28
N GLY A 58 -7.84 -5.92 13.41
CA GLY A 58 -8.77 -4.89 13.97
C GLY A 58 -9.90 -5.59 14.73
N HIS A 59 -10.49 -4.92 15.68
CA HIS A 59 -11.59 -5.55 16.46
C HIS A 59 -12.46 -4.45 17.09
N ASP A 11 12.71 2.08 1.51
CA ASP A 11 12.35 3.28 2.32
C ASP A 11 10.85 3.54 2.21
N LEU A 12 10.19 2.88 1.30
CA LEU A 12 8.72 3.09 1.15
C LEU A 12 7.99 2.21 2.18
N PRO A 13 6.83 2.62 2.63
CA PRO A 13 6.04 1.85 3.63
C PRO A 13 6.17 0.34 3.44
N PRO A 14 5.97 -0.43 4.48
CA PRO A 14 6.08 -1.92 4.41
C PRO A 14 4.95 -2.54 3.57
N ASN A 15 5.21 -3.67 2.97
CA ASN A 15 4.16 -4.32 2.12
C ASN A 15 3.81 -3.42 0.93
N LEU A 16 4.36 -2.23 0.88
CA LEU A 16 4.05 -1.30 -0.27
C LEU A 16 5.18 -1.36 -1.28
N TYR A 17 4.89 -1.07 -2.53
CA TYR A 17 5.96 -1.14 -3.58
C TYR A 17 5.83 0.05 -4.53
N ILE A 18 6.56 0.00 -5.62
CA ILE A 18 6.52 1.09 -6.63
C ILE A 18 6.46 0.45 -8.03
N ARG A 19 5.64 0.98 -8.90
CA ARG A 19 5.55 0.39 -10.28
C ARG A 19 6.57 1.08 -11.19
N ASN A 20 7.04 0.40 -12.19
CA ASN A 20 8.05 1.01 -13.10
C ASN A 20 7.45 2.24 -13.79
N ASN A 21 6.16 2.44 -13.65
CA ASN A 21 5.51 3.61 -14.29
C ASN A 21 5.52 4.79 -13.32
N GLY A 22 6.04 4.60 -12.14
CA GLY A 22 6.09 5.70 -11.14
C GLY A 22 4.79 5.71 -10.32
N TYR A 23 3.92 4.76 -10.55
CA TYR A 23 2.65 4.70 -9.78
C TYR A 23 2.87 3.89 -8.50
N TYR A 24 2.30 4.34 -7.41
CA TYR A 24 2.47 3.59 -6.13
C TYR A 24 1.44 2.46 -6.05
N CYS A 25 1.76 1.39 -5.38
CA CYS A 25 0.79 0.25 -5.28
C CYS A 25 0.99 -0.49 -3.96
N TYR A 26 -0.09 -0.88 -3.32
CA TYR A 26 0.01 -1.62 -2.02
C TYR A 26 -0.24 -3.11 -2.29
N ARG A 27 0.33 -3.97 -1.49
CA ARG A 27 0.13 -5.45 -1.70
C ARG A 27 -0.31 -6.08 -0.38
N ASP A 28 -1.53 -6.54 -0.30
CA ASP A 28 -1.99 -7.16 0.98
C ASP A 28 -1.31 -8.54 1.13
N PRO A 29 -0.71 -8.83 2.27
CA PRO A 29 -0.02 -10.15 2.49
C PRO A 29 -1.01 -11.29 2.80
N ARG A 30 -2.26 -11.13 2.49
CA ARG A 30 -3.24 -12.24 2.77
C ARG A 30 -3.29 -13.18 1.57
N THR A 31 -3.78 -12.70 0.45
CA THR A 31 -3.87 -13.55 -0.78
C THR A 31 -2.79 -13.11 -1.77
N GLY A 32 -2.28 -11.92 -1.62
CA GLY A 32 -1.20 -11.42 -2.54
C GLY A 32 -1.77 -10.49 -3.61
N LYS A 33 -2.99 -10.02 -3.45
CA LYS A 33 -3.55 -9.11 -4.49
C LYS A 33 -2.89 -7.73 -4.37
N GLU A 34 -3.23 -6.81 -5.25
CA GLU A 34 -2.62 -5.43 -5.19
C GLU A 34 -3.71 -4.36 -5.28
N PHE A 35 -3.37 -3.13 -4.99
CA PHE A 35 -4.37 -2.02 -5.06
C PHE A 35 -3.69 -0.78 -5.67
N GLY A 36 -4.17 -0.33 -6.80
CA GLY A 36 -3.57 0.87 -7.45
C GLY A 36 -3.98 2.12 -6.68
N LEU A 37 -3.03 2.90 -6.23
CA LEU A 37 -3.36 4.15 -5.45
C LEU A 37 -3.20 5.37 -6.36
N GLY A 38 -1.98 5.71 -6.67
CA GLY A 38 -1.74 6.90 -7.53
C GLY A 38 -0.27 7.31 -7.41
N ARG A 39 0.12 8.41 -7.99
CA ARG A 39 1.54 8.85 -7.92
C ARG A 39 1.70 9.85 -6.76
N ASP A 40 0.71 9.99 -5.93
CA ASP A 40 0.79 10.97 -4.80
C ASP A 40 1.23 10.27 -3.52
N ARG A 41 2.47 10.43 -3.15
CA ARG A 41 2.98 9.81 -1.89
C ARG A 41 2.06 10.23 -0.73
N ARG A 42 1.33 11.29 -0.91
CA ARG A 42 0.43 11.78 0.18
C ARG A 42 -0.78 10.86 0.28
N ILE A 43 -1.47 10.68 -0.81
CA ILE A 43 -2.67 9.81 -0.78
C ILE A 43 -2.25 8.33 -0.86
N ALA A 44 -1.18 8.05 -1.55
CA ALA A 44 -0.73 6.63 -1.66
C ALA A 44 -0.28 6.12 -0.30
N ILE A 45 0.68 6.77 0.30
CA ILE A 45 1.15 6.30 1.63
C ILE A 45 -0.03 6.25 2.61
N THR A 46 -0.94 7.19 2.50
CA THR A 46 -2.11 7.20 3.40
C THR A 46 -2.81 5.83 3.33
N GLU A 47 -3.22 5.44 2.16
CA GLU A 47 -3.92 4.13 2.01
C GLU A 47 -3.08 3.01 2.61
N ALA A 48 -1.81 3.03 2.34
CA ALA A 48 -0.92 1.98 2.89
C ALA A 48 -1.04 1.94 4.43
N ILE A 49 -1.06 3.08 5.05
CA ILE A 49 -1.16 3.11 6.54
C ILE A 49 -2.48 2.48 7.01
N GLN A 50 -3.56 2.73 6.33
CA GLN A 50 -4.85 2.12 6.77
C GLN A 50 -4.71 0.60 6.73
N ALA A 51 -4.04 0.10 5.74
CA ALA A 51 -3.84 -1.37 5.63
C ALA A 51 -2.95 -1.85 6.78
N ASN A 52 -2.01 -1.05 7.17
CA ASN A 52 -1.10 -1.45 8.29
C ASN A 52 -1.86 -1.49 9.61
N ILE A 53 -2.72 -0.55 9.84
CA ILE A 53 -3.48 -0.55 11.12
C ILE A 53 -4.45 -1.73 11.11
N GLU A 54 -4.94 -2.06 9.95
CA GLU A 54 -5.86 -3.23 9.86
C GLU A 54 -5.04 -4.50 10.09
N LEU A 55 -3.85 -4.53 9.54
CA LEU A 55 -2.99 -5.73 9.73
C LEU A 55 -2.60 -5.84 11.20
N PHE A 56 -2.88 -4.82 11.97
CA PHE A 56 -2.54 -4.85 13.43
C PHE A 56 -3.83 -5.18 14.21
N SER A 57 -4.93 -5.30 13.51
CA SER A 57 -6.21 -5.62 14.20
C SER A 57 -7.23 -6.10 13.16
N GLY A 58 -7.02 -7.27 12.60
CA GLY A 58 -7.96 -7.81 11.57
C GLY A 58 -8.93 -8.81 12.22
N HIS A 59 -8.91 -8.89 13.54
CA HIS A 59 -9.83 -9.84 14.22
C HIS A 59 -9.69 -11.23 13.60
N ASP A 11 12.71 2.89 0.75
CA ASP A 11 12.45 3.84 1.86
C ASP A 11 10.95 4.07 1.99
N LEU A 12 10.17 3.46 1.14
CA LEU A 12 8.69 3.65 1.19
C LEU A 12 8.09 2.70 2.24
N PRO A 13 7.00 3.09 2.88
CA PRO A 13 6.34 2.23 3.90
C PRO A 13 6.40 0.74 3.54
N PRO A 14 6.25 -0.13 4.49
CA PRO A 14 6.29 -1.61 4.24
C PRO A 14 5.08 -2.08 3.44
N ASN A 15 5.13 -3.29 2.93
CA ASN A 15 3.99 -3.81 2.14
C ASN A 15 3.61 -2.81 1.03
N LEU A 16 4.43 -1.82 0.81
CA LEU A 16 4.15 -0.80 -0.26
C LEU A 16 5.35 -0.76 -1.20
N TYR A 17 5.11 -0.65 -2.49
CA TYR A 17 6.24 -0.61 -3.47
C TYR A 17 6.05 0.52 -4.48
N ILE A 18 6.79 0.44 -5.55
CA ILE A 18 6.70 1.49 -6.62
C ILE A 18 6.64 0.78 -7.98
N ARG A 19 5.82 1.26 -8.87
CA ARG A 19 5.72 0.62 -10.22
C ARG A 19 6.71 1.29 -11.16
N ASN A 20 7.20 0.57 -12.15
CA ASN A 20 8.16 1.18 -13.10
C ASN A 20 7.52 2.40 -13.77
N ASN A 21 6.24 2.55 -13.64
CA ASN A 21 5.54 3.70 -14.27
C ASN A 21 5.49 4.86 -13.27
N GLY A 22 6.04 4.67 -12.11
CA GLY A 22 6.03 5.76 -11.08
C GLY A 22 4.74 5.68 -10.26
N TYR A 23 3.94 4.68 -10.49
CA TYR A 23 2.66 4.55 -9.73
C TYR A 23 2.91 3.76 -8.44
N TYR A 24 2.33 4.17 -7.35
CA TYR A 24 2.53 3.43 -6.07
C TYR A 24 1.58 2.22 -6.06
N CYS A 25 1.93 1.18 -5.34
CA CYS A 25 1.04 -0.02 -5.31
C CYS A 25 1.19 -0.74 -3.96
N TYR A 26 0.09 -0.94 -3.26
CA TYR A 26 0.14 -1.65 -1.95
C TYR A 26 -0.24 -3.10 -2.16
N ARG A 27 0.26 -4.00 -1.35
CA ARG A 27 -0.07 -5.46 -1.51
C ARG A 27 -0.83 -5.97 -0.30
N ASP A 28 -2.00 -6.48 -0.53
CA ASP A 28 -2.81 -7.03 0.58
C ASP A 28 -2.24 -8.40 0.99
N PRO A 29 -1.97 -8.66 2.26
CA PRO A 29 -1.40 -9.96 2.70
C PRO A 29 -2.43 -11.10 2.76
N ARG A 30 -3.70 -10.82 2.57
CA ARG A 30 -4.72 -11.90 2.61
C ARG A 30 -4.86 -12.50 1.21
N THR A 31 -4.63 -11.72 0.19
CA THR A 31 -4.73 -12.23 -1.22
C THR A 31 -3.36 -12.09 -1.87
N GLY A 32 -2.48 -11.32 -1.27
CA GLY A 32 -1.12 -11.14 -1.84
C GLY A 32 -1.18 -10.37 -3.17
N LYS A 33 -2.36 -10.04 -3.62
CA LYS A 33 -2.46 -9.29 -4.90
C LYS A 33 -2.01 -7.84 -4.69
N GLU A 34 -2.02 -7.04 -5.72
CA GLU A 34 -1.60 -5.61 -5.60
C GLU A 34 -2.82 -4.69 -5.70
N PHE A 35 -2.64 -3.43 -5.42
CA PHE A 35 -3.78 -2.46 -5.50
C PHE A 35 -3.27 -1.14 -6.11
N GLY A 36 -3.80 -0.75 -7.23
CA GLY A 36 -3.36 0.52 -7.87
C GLY A 36 -3.84 1.70 -7.02
N LEU A 37 -2.94 2.55 -6.60
CA LEU A 37 -3.33 3.72 -5.76
C LEU A 37 -3.25 5.00 -6.60
N GLY A 38 -2.10 5.25 -7.17
CA GLY A 38 -1.91 6.48 -8.00
C GLY A 38 -0.47 6.96 -7.82
N ARG A 39 -0.13 8.07 -8.39
CA ARG A 39 1.26 8.60 -8.25
C ARG A 39 1.31 9.57 -7.08
N ASP A 40 0.26 9.61 -6.31
CA ASP A 40 0.21 10.54 -5.14
C ASP A 40 0.71 9.83 -3.88
N ARG A 41 1.96 10.04 -3.53
CA ARG A 41 2.49 9.39 -2.31
C ARG A 41 1.70 9.86 -1.10
N ARG A 42 0.92 10.90 -1.26
CA ARG A 42 0.12 11.42 -0.12
C ARG A 42 -1.02 10.46 0.17
N ILE A 43 -1.80 10.15 -0.83
CA ILE A 43 -2.94 9.23 -0.62
C ILE A 43 -2.44 7.79 -0.57
N ALA A 44 -1.47 7.46 -1.38
CA ALA A 44 -0.93 6.07 -1.38
C ALA A 44 -0.35 5.76 0.00
N ILE A 45 0.57 6.53 0.47
CA ILE A 45 1.15 6.26 1.82
C ILE A 45 0.03 6.22 2.85
N THR A 46 -0.89 7.14 2.78
CA THR A 46 -2.01 7.17 3.75
C THR A 46 -2.78 5.84 3.70
N GLU A 47 -3.17 5.42 2.54
CA GLU A 47 -3.94 4.16 2.43
C GLU A 47 -3.06 2.97 2.88
N ALA A 48 -1.77 3.05 2.63
CA ALA A 48 -0.85 1.95 3.04
C ALA A 48 -0.77 1.86 4.57
N ILE A 49 -0.57 2.97 5.23
CA ILE A 49 -0.45 2.95 6.71
C ILE A 49 -1.69 2.34 7.36
N GLN A 50 -2.86 2.78 7.00
CA GLN A 50 -4.08 2.21 7.63
C GLN A 50 -4.10 0.69 7.38
N ALA A 51 -3.57 0.27 6.27
CA ALA A 51 -3.54 -1.20 5.99
C ALA A 51 -2.62 -1.87 7.01
N ASN A 52 -1.56 -1.21 7.38
CA ASN A 52 -0.62 -1.80 8.38
C ASN A 52 -1.32 -1.87 9.74
N ILE A 53 -2.08 -0.87 10.08
CA ILE A 53 -2.78 -0.88 11.39
C ILE A 53 -3.88 -1.93 11.35
N GLU A 54 -4.61 -1.99 10.27
CA GLU A 54 -5.71 -2.99 10.16
C GLU A 54 -5.10 -4.39 10.02
N LEU A 55 -3.86 -4.47 9.62
CA LEU A 55 -3.23 -5.80 9.45
C LEU A 55 -3.16 -6.50 10.82
N PHE A 56 -3.35 -5.77 11.88
CA PHE A 56 -3.31 -6.38 13.23
C PHE A 56 -4.67 -7.00 13.55
N SER A 57 -5.63 -6.81 12.69
CA SER A 57 -6.98 -7.38 12.96
C SER A 57 -7.84 -7.30 11.68
N GLY A 58 -7.42 -7.94 10.63
CA GLY A 58 -8.21 -7.88 9.36
C GLY A 58 -9.67 -8.19 9.66
N HIS A 59 -10.05 -9.45 9.60
CA HIS A 59 -11.46 -9.81 9.87
C HIS A 59 -12.40 -8.89 9.10
N ASP A 11 12.82 3.92 1.75
CA ASP A 11 12.17 5.25 1.92
C ASP A 11 10.65 5.07 1.94
N LEU A 12 10.14 4.16 1.15
CA LEU A 12 8.67 3.92 1.11
C LEU A 12 8.29 2.97 2.26
N PRO A 13 7.10 3.09 2.80
CA PRO A 13 6.64 2.20 3.92
C PRO A 13 6.57 0.73 3.49
N PRO A 14 6.54 -0.17 4.43
CA PRO A 14 6.47 -1.64 4.14
C PRO A 14 5.17 -2.04 3.45
N ASN A 15 5.10 -3.25 2.96
CA ASN A 15 3.86 -3.72 2.27
C ASN A 15 3.50 -2.77 1.13
N LEU A 16 4.37 -1.85 0.81
CA LEU A 16 4.10 -0.90 -0.33
C LEU A 16 5.30 -0.89 -1.26
N TYR A 17 5.05 -0.89 -2.54
CA TYR A 17 6.17 -0.91 -3.53
C TYR A 17 6.00 0.23 -4.54
N ILE A 18 6.73 0.18 -5.62
CA ILE A 18 6.63 1.24 -6.67
C ILE A 18 6.59 0.55 -8.04
N ARG A 19 5.67 0.95 -8.88
CA ARG A 19 5.56 0.32 -10.23
C ARG A 19 6.51 1.03 -11.21
N ASN A 20 7.00 0.33 -12.19
CA ASN A 20 7.95 0.97 -13.16
C ASN A 20 7.26 2.16 -13.84
N ASN A 21 5.98 2.31 -13.67
CA ASN A 21 5.27 3.45 -14.30
C ASN A 21 5.25 4.63 -13.34
N GLY A 22 5.84 4.48 -12.18
CA GLY A 22 5.86 5.59 -11.19
C GLY A 22 4.58 5.57 -10.35
N TYR A 23 3.75 4.59 -10.55
CA TYR A 23 2.48 4.51 -9.76
C TYR A 23 2.78 3.77 -8.45
N TYR A 24 2.22 4.25 -7.36
CA TYR A 24 2.45 3.58 -6.06
C TYR A 24 1.47 2.41 -5.95
N CYS A 25 1.82 1.37 -5.25
CA CYS A 25 0.89 0.20 -5.16
C CYS A 25 1.07 -0.51 -3.81
N TYR A 26 -0.03 -0.88 -3.19
CA TYR A 26 0.04 -1.60 -1.88
C TYR A 26 -0.22 -3.09 -2.14
N ARG A 27 0.30 -3.95 -1.30
CA ARG A 27 0.10 -5.42 -1.49
C ARG A 27 -0.44 -6.02 -0.18
N ASP A 28 -1.63 -6.54 -0.20
CA ASP A 28 -2.20 -7.12 1.05
C ASP A 28 -1.52 -8.48 1.34
N PRO A 29 -1.20 -8.79 2.58
CA PRO A 29 -0.55 -10.09 2.94
C PRO A 29 -1.57 -11.23 3.10
N ARG A 30 -2.71 -11.14 2.47
CA ARG A 30 -3.73 -12.22 2.59
C ARG A 30 -3.47 -13.28 1.52
N THR A 31 -3.68 -12.91 0.28
CA THR A 31 -3.46 -13.86 -0.85
C THR A 31 -2.33 -13.33 -1.73
N GLY A 32 -2.12 -12.04 -1.73
CA GLY A 32 -1.03 -11.42 -2.55
C GLY A 32 -1.64 -10.49 -3.61
N LYS A 33 -2.83 -10.01 -3.39
CA LYS A 33 -3.45 -9.10 -4.41
C LYS A 33 -2.79 -7.72 -4.30
N GLU A 34 -3.18 -6.79 -5.14
CA GLU A 34 -2.58 -5.42 -5.10
C GLU A 34 -3.70 -4.38 -5.11
N PHE A 35 -3.37 -3.15 -4.79
CA PHE A 35 -4.39 -2.06 -4.79
C PHE A 35 -3.77 -0.83 -5.45
N GLY A 36 -4.31 -0.42 -6.57
CA GLY A 36 -3.76 0.77 -7.27
C GLY A 36 -4.17 2.04 -6.52
N LEU A 37 -3.21 2.80 -6.06
CA LEU A 37 -3.53 4.05 -5.31
C LEU A 37 -3.39 5.24 -6.27
N GLY A 38 -2.20 5.55 -6.66
CA GLY A 38 -1.98 6.69 -7.59
C GLY A 38 -0.49 7.03 -7.63
N ARG A 39 -0.16 8.18 -8.16
CA ARG A 39 1.28 8.60 -8.24
C ARG A 39 1.58 9.59 -7.12
N ASP A 40 0.64 9.80 -6.23
CA ASP A 40 0.86 10.77 -5.11
C ASP A 40 1.34 10.04 -3.87
N ARG A 41 2.63 10.06 -3.63
CA ARG A 41 3.18 9.38 -2.43
C ARG A 41 2.49 9.92 -1.17
N ARG A 42 1.79 11.02 -1.30
CA ARG A 42 1.09 11.61 -0.14
C ARG A 42 -0.19 10.82 0.12
N ILE A 43 -1.03 10.68 -0.87
CA ILE A 43 -2.30 9.93 -0.67
C ILE A 43 -2.01 8.43 -0.67
N ALA A 44 -1.05 8.00 -1.42
CA ALA A 44 -0.74 6.54 -1.45
C ALA A 44 -0.29 6.08 -0.06
N ILE A 45 0.71 6.70 0.50
CA ILE A 45 1.17 6.29 1.84
C ILE A 45 -0.01 6.36 2.83
N THR A 46 -0.84 7.35 2.71
CA THR A 46 -2.00 7.48 3.64
C THR A 46 -2.76 6.15 3.67
N GLU A 47 -3.17 5.66 2.53
CA GLU A 47 -3.92 4.38 2.47
C GLU A 47 -3.02 3.24 2.97
N ALA A 48 -1.78 3.26 2.57
CA ALA A 48 -0.84 2.18 3.00
C ALA A 48 -0.80 2.08 4.52
N ILE A 49 -0.76 3.20 5.20
CA ILE A 49 -0.69 3.19 6.69
C ILE A 49 -1.92 2.48 7.29
N GLN A 50 -3.09 2.96 7.00
CA GLN A 50 -4.30 2.31 7.58
C GLN A 50 -4.34 0.85 7.13
N ALA A 51 -3.71 0.53 6.03
CA ALA A 51 -3.70 -0.88 5.57
C ALA A 51 -2.91 -1.72 6.58
N ASN A 52 -1.89 -1.14 7.16
CA ASN A 52 -1.08 -1.90 8.16
C ASN A 52 -1.94 -2.16 9.40
N ILE A 53 -2.74 -1.20 9.79
CA ILE A 53 -3.59 -1.40 11.00
C ILE A 53 -4.68 -2.41 10.66
N GLU A 54 -5.12 -2.45 9.44
CA GLU A 54 -6.16 -3.44 9.04
C GLU A 54 -5.54 -4.83 9.08
N LEU A 55 -4.25 -4.90 8.99
CA LEU A 55 -3.56 -6.21 9.01
C LEU A 55 -3.94 -6.93 10.31
N PHE A 56 -4.14 -6.18 11.35
CA PHE A 56 -4.52 -6.80 12.65
C PHE A 56 -6.00 -7.20 12.58
N SER A 57 -6.61 -7.07 11.43
CA SER A 57 -8.04 -7.46 11.29
C SER A 57 -8.86 -6.77 12.38
N GLY A 58 -8.32 -5.75 12.99
CA GLY A 58 -9.09 -5.04 14.06
C GLY A 58 -8.77 -5.66 15.42
N HIS A 59 -9.63 -5.47 16.38
CA HIS A 59 -9.37 -6.05 17.74
C HIS A 59 -10.71 -6.25 18.46
N ASP A 11 12.78 1.73 0.91
CA ASP A 11 12.66 2.89 1.84
C ASP A 11 11.19 3.27 2.00
N LEU A 12 10.34 2.74 1.16
CA LEU A 12 8.89 3.06 1.27
C LEU A 12 8.25 2.17 2.34
N PRO A 13 7.20 2.63 2.99
CA PRO A 13 6.51 1.84 4.06
C PRO A 13 6.50 0.34 3.73
N PRO A 14 6.34 -0.52 4.71
CA PRO A 14 6.30 -1.99 4.49
C PRO A 14 5.07 -2.41 3.68
N ASN A 15 5.19 -3.45 2.90
CA ASN A 15 4.03 -3.91 2.08
C ASN A 15 3.60 -2.81 1.11
N LEU A 16 4.53 -2.03 0.63
CA LEU A 16 4.21 -0.94 -0.34
C LEU A 16 5.30 -0.87 -1.41
N TYR A 17 4.92 -0.86 -2.67
CA TYR A 17 5.93 -0.81 -3.77
C TYR A 17 5.57 0.29 -4.76
N ILE A 18 6.29 0.35 -5.85
CA ILE A 18 6.00 1.39 -6.88
C ILE A 18 6.19 0.80 -8.28
N ARG A 19 5.49 1.31 -9.25
CA ARG A 19 5.61 0.78 -10.64
C ARG A 19 6.70 1.56 -11.39
N ASN A 20 7.22 1.01 -12.45
CA ASN A 20 8.26 1.73 -13.22
C ASN A 20 7.67 3.00 -13.81
N ASN A 21 6.37 3.11 -13.82
CA ASN A 21 5.71 4.31 -14.37
C ASN A 21 5.53 5.34 -13.25
N GLY A 22 5.93 5.00 -12.06
CA GLY A 22 5.79 5.95 -10.91
C GLY A 22 4.42 5.76 -10.23
N TYR A 23 3.72 4.71 -10.56
CA TYR A 23 2.39 4.47 -9.92
C TYR A 23 2.62 3.70 -8.61
N TYR A 24 2.05 4.16 -7.53
CA TYR A 24 2.23 3.47 -6.23
C TYR A 24 1.23 2.32 -6.13
N CYS A 25 1.60 1.25 -5.46
CA CYS A 25 0.67 0.08 -5.33
C CYS A 25 0.93 -0.65 -4.01
N TYR A 26 -0.10 -0.93 -3.26
CA TYR A 26 0.07 -1.65 -1.96
C TYR A 26 -0.20 -3.15 -2.17
N ARG A 27 0.46 -4.00 -1.40
CA ARG A 27 0.25 -5.47 -1.56
C ARG A 27 -0.37 -6.06 -0.29
N ASP A 28 -1.56 -6.59 -0.39
CA ASP A 28 -2.20 -7.18 0.82
C ASP A 28 -1.53 -8.53 1.13
N PRO A 29 -1.26 -8.85 2.38
CA PRO A 29 -0.62 -10.15 2.76
C PRO A 29 -1.62 -11.31 2.79
N ARG A 30 -2.87 -11.04 2.55
CA ARG A 30 -3.89 -12.14 2.57
C ARG A 30 -3.98 -12.79 1.19
N THR A 31 -4.23 -12.00 0.16
CA THR A 31 -4.34 -12.56 -1.21
C THR A 31 -3.05 -12.26 -1.98
N GLY A 32 -2.12 -11.59 -1.36
CA GLY A 32 -0.85 -11.27 -2.04
C GLY A 32 -1.12 -10.45 -3.30
N LYS A 33 -2.36 -10.08 -3.52
CA LYS A 33 -2.68 -9.29 -4.74
C LYS A 33 -2.16 -7.85 -4.56
N GLU A 34 -2.35 -7.00 -5.54
CA GLU A 34 -1.87 -5.59 -5.45
C GLU A 34 -3.06 -4.63 -5.45
N PHE A 35 -2.82 -3.39 -5.13
CA PHE A 35 -3.92 -2.37 -5.11
C PHE A 35 -3.40 -1.07 -5.71
N GLY A 36 -3.94 -0.67 -6.84
CA GLY A 36 -3.46 0.58 -7.49
C GLY A 36 -3.98 1.79 -6.72
N LEU A 37 -3.09 2.67 -6.30
CA LEU A 37 -3.53 3.88 -5.54
C LEU A 37 -3.45 5.12 -6.45
N GLY A 38 -2.34 5.30 -7.11
CA GLY A 38 -2.17 6.48 -8.01
C GLY A 38 -0.70 6.88 -8.04
N ARG A 39 -0.41 8.11 -8.35
CA ARG A 39 1.01 8.59 -8.40
C ARG A 39 1.27 9.55 -7.23
N ASP A 40 0.33 9.68 -6.35
CA ASP A 40 0.51 10.63 -5.19
C ASP A 40 1.08 9.87 -3.98
N ARG A 41 2.36 10.02 -3.75
CA ARG A 41 3.01 9.35 -2.59
C ARG A 41 2.34 9.79 -1.29
N ARG A 42 1.66 10.90 -1.32
CA ARG A 42 0.96 11.39 -0.10
C ARG A 42 -0.28 10.56 0.16
N ILE A 43 -1.11 10.43 -0.84
CA ILE A 43 -2.36 9.64 -0.66
C ILE A 43 -2.03 8.15 -0.68
N ALA A 44 -1.06 7.76 -1.45
CA ALA A 44 -0.70 6.32 -1.51
C ALA A 44 -0.19 5.85 -0.15
N ILE A 45 0.85 6.46 0.36
CA ILE A 45 1.38 6.05 1.68
C ILE A 45 0.24 6.09 2.71
N THR A 46 -0.64 7.04 2.61
CA THR A 46 -1.77 7.13 3.57
C THR A 46 -2.52 5.80 3.61
N GLU A 47 -2.89 5.30 2.47
CA GLU A 47 -3.65 4.01 2.42
C GLU A 47 -2.78 2.89 3.01
N ALA A 48 -1.52 2.90 2.71
CA ALA A 48 -0.64 1.84 3.25
C ALA A 48 -0.76 1.81 4.78
N ILE A 49 -0.76 2.95 5.40
CA ILE A 49 -0.88 2.99 6.88
C ILE A 49 -2.20 2.35 7.33
N GLN A 50 -3.28 2.67 6.69
CA GLN A 50 -4.59 2.07 7.09
C GLN A 50 -4.48 0.56 6.95
N ALA A 51 -3.82 0.10 5.93
CA ALA A 51 -3.66 -1.36 5.75
C ALA A 51 -2.88 -1.92 6.93
N ASN A 52 -1.88 -1.20 7.39
CA ASN A 52 -1.08 -1.66 8.54
C ASN A 52 -1.95 -1.63 9.81
N ILE A 53 -2.76 -0.62 9.95
CA ILE A 53 -3.63 -0.53 11.15
C ILE A 53 -4.71 -1.60 11.06
N GLU A 54 -5.05 -1.99 9.86
CA GLU A 54 -6.07 -3.04 9.68
C GLU A 54 -5.50 -4.36 10.22
N LEU A 55 -4.22 -4.52 10.07
CA LEU A 55 -3.57 -5.77 10.56
C LEU A 55 -3.84 -5.91 12.07
N PHE A 56 -3.99 -4.81 12.75
CA PHE A 56 -4.26 -4.86 14.23
C PHE A 56 -5.71 -4.47 14.50
N SER A 57 -6.51 -4.34 13.46
CA SER A 57 -7.93 -3.96 13.65
C SER A 57 -8.76 -4.52 12.50
N GLY A 58 -9.01 -5.80 12.50
CA GLY A 58 -9.82 -6.41 11.40
C GLY A 58 -10.17 -7.85 11.76
N HIS A 59 -11.33 -8.07 12.31
CA HIS A 59 -11.74 -9.45 12.69
C HIS A 59 -11.88 -10.30 11.42
N ASP A 11 12.69 2.92 2.77
CA ASP A 11 12.27 4.26 2.30
C ASP A 11 10.74 4.36 2.31
N LEU A 12 10.09 3.68 1.40
CA LEU A 12 8.60 3.73 1.35
C LEU A 12 8.02 2.72 2.36
N PRO A 13 6.87 3.03 2.94
CA PRO A 13 6.20 2.11 3.91
C PRO A 13 6.39 0.64 3.54
N PRO A 14 6.25 -0.26 4.48
CA PRO A 14 6.41 -1.73 4.21
C PRO A 14 5.24 -2.31 3.40
N ASN A 15 5.46 -3.42 2.76
CA ASN A 15 4.36 -4.05 1.95
C ASN A 15 3.91 -3.07 0.86
N LEU A 16 4.52 -1.92 0.78
CA LEU A 16 4.14 -0.92 -0.26
C LEU A 16 5.26 -0.86 -1.31
N TYR A 17 4.91 -0.81 -2.56
CA TYR A 17 5.94 -0.78 -3.65
C TYR A 17 5.62 0.30 -4.66
N ILE A 18 6.44 0.41 -5.67
CA ILE A 18 6.18 1.42 -6.75
C ILE A 18 6.60 0.83 -8.09
N ARG A 19 5.86 1.13 -9.13
CA ARG A 19 6.20 0.57 -10.47
C ARG A 19 7.16 1.52 -11.20
N ASN A 20 7.72 1.07 -12.29
CA ASN A 20 8.68 1.93 -13.04
C ASN A 20 7.95 3.13 -13.63
N ASN A 21 6.64 3.11 -13.62
CA ASN A 21 5.87 4.25 -14.18
C ASN A 21 5.64 5.28 -13.07
N GLY A 22 6.11 4.99 -11.88
CA GLY A 22 5.94 5.95 -10.75
C GLY A 22 4.58 5.75 -10.08
N TYR A 23 3.88 4.70 -10.43
CA TYR A 23 2.54 4.44 -9.81
C TYR A 23 2.75 3.62 -8.52
N TYR A 24 2.16 4.05 -7.44
CA TYR A 24 2.32 3.30 -6.15
C TYR A 24 1.30 2.16 -6.08
N CYS A 25 1.64 1.08 -5.44
CA CYS A 25 0.69 -0.07 -5.32
C CYS A 25 0.97 -0.84 -4.03
N TYR A 26 -0.04 -1.09 -3.25
CA TYR A 26 0.14 -1.84 -1.97
C TYR A 26 -0.13 -3.32 -2.20
N ARG A 27 0.33 -4.18 -1.32
CA ARG A 27 0.09 -5.66 -1.49
C ARG A 27 -0.57 -6.21 -0.23
N ASP A 28 -1.77 -6.73 -0.36
CA ASP A 28 -2.47 -7.28 0.85
C ASP A 28 -1.82 -8.62 1.25
N PRO A 29 -1.82 -8.95 2.53
CA PRO A 29 -1.22 -10.22 3.01
C PRO A 29 -2.21 -11.40 2.92
N ARG A 30 -3.47 -11.10 2.77
CA ARG A 30 -4.50 -12.19 2.69
C ARG A 30 -4.74 -12.58 1.22
N THR A 31 -4.78 -11.62 0.33
CA THR A 31 -5.02 -11.93 -1.11
C THR A 31 -3.69 -11.92 -1.87
N GLY A 32 -2.67 -11.39 -1.27
CA GLY A 32 -1.34 -11.35 -1.94
C GLY A 32 -1.44 -10.54 -3.23
N LYS A 33 -2.62 -10.15 -3.63
CA LYS A 33 -2.75 -9.34 -4.89
C LYS A 33 -2.28 -7.91 -4.61
N GLU A 34 -2.57 -6.99 -5.51
CA GLU A 34 -2.12 -5.57 -5.30
C GLU A 34 -3.31 -4.62 -5.49
N PHE A 35 -3.10 -3.37 -5.14
CA PHE A 35 -4.17 -2.35 -5.29
C PHE A 35 -3.58 -1.06 -5.87
N GLY A 36 -4.09 -0.62 -7.00
CA GLY A 36 -3.56 0.61 -7.62
C GLY A 36 -4.00 1.83 -6.82
N LEU A 37 -3.07 2.63 -6.34
CA LEU A 37 -3.43 3.83 -5.54
C LEU A 37 -3.25 5.09 -6.40
N GLY A 38 -2.09 5.29 -6.94
CA GLY A 38 -1.85 6.50 -7.79
C GLY A 38 -0.38 6.93 -7.70
N ARG A 39 -0.02 7.97 -8.41
CA ARG A 39 1.39 8.45 -8.39
C ARG A 39 1.58 9.44 -7.23
N ASP A 40 0.57 9.62 -6.43
CA ASP A 40 0.66 10.56 -5.28
C ASP A 40 1.06 9.81 -4.02
N ARG A 41 2.32 9.84 -3.65
CA ARG A 41 2.73 9.13 -2.43
C ARG A 41 2.00 9.74 -1.24
N ARG A 42 1.32 10.84 -1.46
CA ARG A 42 0.55 11.49 -0.37
C ARG A 42 -0.67 10.64 -0.08
N ILE A 43 -1.46 10.42 -1.08
CA ILE A 43 -2.70 9.61 -0.91
C ILE A 43 -2.32 8.13 -0.87
N ALA A 44 -1.32 7.74 -1.60
CA ALA A 44 -0.92 6.31 -1.60
C ALA A 44 -0.43 5.90 -0.20
N ILE A 45 0.55 6.59 0.32
CA ILE A 45 1.07 6.25 1.68
C ILE A 45 -0.08 6.29 2.67
N THR A 46 -0.99 7.22 2.52
CA THR A 46 -2.14 7.31 3.46
C THR A 46 -2.86 5.96 3.50
N GLU A 47 -3.23 5.45 2.37
CA GLU A 47 -3.95 4.14 2.32
C GLU A 47 -3.05 3.04 2.87
N ALA A 48 -1.83 3.01 2.46
CA ALA A 48 -0.90 1.94 2.93
C ALA A 48 -0.88 1.93 4.46
N ILE A 49 -0.91 3.07 5.09
CA ILE A 49 -0.89 3.11 6.58
C ILE A 49 -2.12 2.39 7.14
N GLN A 50 -3.27 2.62 6.56
CA GLN A 50 -4.49 1.94 7.09
C GLN A 50 -4.30 0.43 7.01
N ALA A 51 -3.62 -0.03 5.98
CA ALA A 51 -3.39 -1.49 5.85
C ALA A 51 -2.54 -1.96 7.03
N ASN A 52 -1.63 -1.13 7.48
CA ASN A 52 -0.78 -1.52 8.63
C ASN A 52 -1.62 -1.58 9.91
N ILE A 53 -2.59 -0.72 10.05
CA ILE A 53 -3.44 -0.77 11.27
C ILE A 53 -4.31 -2.02 11.20
N GLU A 54 -4.69 -2.40 10.01
CA GLU A 54 -5.51 -3.62 9.85
C GLU A 54 -4.64 -4.82 10.21
N LEU A 55 -3.38 -4.72 9.91
CA LEU A 55 -2.46 -5.86 10.23
C LEU A 55 -2.51 -6.12 11.74
N PHE A 56 -2.75 -5.10 12.53
CA PHE A 56 -2.84 -5.28 14.00
C PHE A 56 -4.31 -5.49 14.37
N SER A 57 -5.19 -5.43 13.40
CA SER A 57 -6.64 -5.64 13.69
C SER A 57 -7.33 -6.17 12.44
N GLY A 58 -7.05 -7.39 12.07
CA GLY A 58 -7.68 -7.97 10.85
C GLY A 58 -7.19 -9.40 10.63
N HIS A 59 -7.04 -10.15 11.69
CA HIS A 59 -6.54 -11.55 11.54
C HIS A 59 -6.83 -12.33 12.83
N ASP A 11 12.35 6.15 1.66
CA ASP A 11 11.92 5.05 2.57
C ASP A 11 10.42 4.86 2.46
N LEU A 12 9.99 4.00 1.58
CA LEU A 12 8.53 3.75 1.44
C LEU A 12 8.08 2.77 2.53
N PRO A 13 6.87 2.87 3.01
CA PRO A 13 6.36 1.96 4.06
C PRO A 13 6.38 0.49 3.61
N PRO A 14 6.32 -0.43 4.53
CA PRO A 14 6.34 -1.88 4.22
C PRO A 14 5.08 -2.34 3.48
N ASN A 15 5.17 -3.40 2.72
CA ASN A 15 3.99 -3.93 1.97
C ASN A 15 3.68 -3.01 0.77
N LEU A 16 4.22 -1.82 0.76
CA LEU A 16 3.97 -0.88 -0.39
C LEU A 16 5.18 -0.88 -1.31
N TYR A 17 4.94 -0.86 -2.60
CA TYR A 17 6.07 -0.87 -3.59
C TYR A 17 5.96 0.33 -4.52
N ILE A 18 6.76 0.35 -5.56
CA ILE A 18 6.71 1.48 -6.54
C ILE A 18 6.86 0.89 -7.95
N ARG A 19 6.05 1.31 -8.88
CA ARG A 19 6.15 0.76 -10.26
C ARG A 19 7.10 1.62 -11.10
N ASN A 20 7.72 1.05 -12.08
CA ASN A 20 8.65 1.84 -12.94
C ASN A 20 7.88 3.00 -13.56
N ASN A 21 6.58 2.98 -13.45
CA ASN A 21 5.74 4.07 -14.03
C ASN A 21 5.57 5.16 -12.98
N GLY A 22 6.15 4.98 -11.83
CA GLY A 22 6.02 6.00 -10.75
C GLY A 22 4.69 5.81 -10.03
N TYR A 23 3.96 4.78 -10.38
CA TYR A 23 2.64 4.52 -9.71
C TYR A 23 2.89 3.70 -8.44
N TYR A 24 2.33 4.12 -7.34
CA TYR A 24 2.52 3.35 -6.07
C TYR A 24 1.54 2.19 -6.05
N CYS A 25 1.85 1.13 -5.33
CA CYS A 25 0.90 -0.03 -5.28
C CYS A 25 1.05 -0.77 -3.95
N TYR A 26 -0.05 -1.11 -3.33
CA TYR A 26 0.00 -1.84 -2.02
C TYR A 26 -0.40 -3.30 -2.22
N ARG A 27 0.18 -4.20 -1.46
CA ARG A 27 -0.17 -5.66 -1.60
C ARG A 27 -0.95 -6.13 -0.39
N ASP A 28 -2.11 -6.69 -0.63
CA ASP A 28 -2.96 -7.21 0.49
C ASP A 28 -2.43 -8.57 0.97
N PRO A 29 -1.90 -8.68 2.18
CA PRO A 29 -1.39 -10.00 2.68
C PRO A 29 -2.47 -11.10 2.69
N ARG A 30 -3.66 -10.79 2.28
CA ARG A 30 -4.75 -11.82 2.28
C ARG A 30 -4.73 -12.59 0.96
N THR A 31 -4.75 -11.90 -0.15
CA THR A 31 -4.73 -12.59 -1.48
C THR A 31 -3.36 -12.42 -2.13
N GLY A 32 -2.55 -11.55 -1.59
CA GLY A 32 -1.20 -11.34 -2.17
C GLY A 32 -1.31 -10.53 -3.46
N LYS A 33 -2.51 -10.16 -3.84
CA LYS A 33 -2.67 -9.37 -5.09
C LYS A 33 -2.18 -7.94 -4.84
N GLU A 34 -2.25 -7.10 -5.85
CA GLU A 34 -1.79 -5.67 -5.68
C GLU A 34 -3.00 -4.74 -5.74
N PHE A 35 -2.81 -3.49 -5.39
CA PHE A 35 -3.92 -2.50 -5.41
C PHE A 35 -3.40 -1.18 -5.97
N GLY A 36 -3.87 -0.77 -7.11
CA GLY A 36 -3.41 0.51 -7.71
C GLY A 36 -3.94 1.69 -6.89
N LEU A 37 -3.07 2.57 -6.47
CA LEU A 37 -3.50 3.76 -5.66
C LEU A 37 -3.41 5.02 -6.52
N GLY A 38 -2.30 5.22 -7.17
CA GLY A 38 -2.13 6.43 -8.03
C GLY A 38 -0.69 6.94 -7.88
N ARG A 39 -0.38 8.06 -8.48
CA ARG A 39 0.99 8.61 -8.37
C ARG A 39 1.07 9.54 -7.16
N ASP A 40 0.07 9.52 -6.33
CA ASP A 40 0.05 10.43 -5.14
C ASP A 40 0.67 9.73 -3.93
N ARG A 41 1.93 9.97 -3.70
CA ARG A 41 2.63 9.36 -2.53
C ARG A 41 1.88 9.75 -1.26
N ARG A 42 1.08 10.78 -1.33
CA ARG A 42 0.31 11.23 -0.15
C ARG A 42 -0.88 10.31 0.07
N ILE A 43 -1.66 10.10 -0.96
CA ILE A 43 -2.84 9.22 -0.83
C ILE A 43 -2.41 7.76 -0.83
N ALA A 44 -1.35 7.44 -1.53
CA ALA A 44 -0.88 6.03 -1.58
C ALA A 44 -0.38 5.62 -0.20
N ILE A 45 0.59 6.31 0.34
CA ILE A 45 1.11 5.95 1.68
C ILE A 45 -0.07 5.91 2.68
N THR A 46 -1.02 6.78 2.51
CA THR A 46 -2.19 6.78 3.45
C THR A 46 -2.79 5.37 3.50
N GLU A 47 -3.07 4.80 2.35
CA GLU A 47 -3.66 3.44 2.32
C GLU A 47 -2.69 2.47 2.98
N ALA A 48 -1.44 2.63 2.70
CA ALA A 48 -0.42 1.72 3.30
C ALA A 48 -0.45 1.84 4.84
N ILE A 49 -0.47 3.04 5.34
CA ILE A 49 -0.48 3.24 6.81
C ILE A 49 -1.74 2.61 7.43
N GLN A 50 -2.89 3.08 7.07
CA GLN A 50 -4.13 2.50 7.66
C GLN A 50 -4.16 1.01 7.39
N ALA A 51 -3.57 0.59 6.31
CA ALA A 51 -3.53 -0.87 6.00
C ALA A 51 -2.65 -1.57 7.04
N ASN A 52 -1.55 -0.96 7.38
CA ASN A 52 -0.64 -1.56 8.38
C ASN A 52 -1.30 -1.54 9.75
N ILE A 53 -1.96 -0.47 10.08
CA ILE A 53 -2.61 -0.38 11.41
C ILE A 53 -3.76 -1.40 11.45
N GLU A 54 -4.43 -1.57 10.37
CA GLU A 54 -5.54 -2.56 10.33
C GLU A 54 -4.95 -3.97 10.38
N LEU A 55 -3.81 -4.17 9.78
CA LEU A 55 -3.20 -5.53 9.82
C LEU A 55 -2.75 -5.84 11.25
N PHE A 56 -2.72 -4.84 12.09
CA PHE A 56 -2.30 -5.04 13.51
C PHE A 56 -3.55 -5.01 14.41
N SER A 57 -4.71 -4.75 13.84
CA SER A 57 -5.96 -4.72 14.65
C SER A 57 -7.16 -4.76 13.70
N GLY A 58 -7.07 -5.55 12.66
CA GLY A 58 -8.22 -5.65 11.70
C GLY A 58 -9.24 -6.66 12.22
N HIS A 59 -9.01 -7.21 13.38
CA HIS A 59 -9.97 -8.20 13.94
C HIS A 59 -10.22 -9.30 12.91
N ASP A 11 12.58 5.84 0.97
CA ASP A 11 12.19 4.74 1.89
C ASP A 11 10.66 4.71 2.01
N LEU A 12 10.02 3.87 1.25
CA LEU A 12 8.54 3.77 1.32
C LEU A 12 8.13 2.81 2.45
N PRO A 13 7.00 3.03 3.09
CA PRO A 13 6.54 2.13 4.19
C PRO A 13 6.45 0.68 3.72
N PRO A 14 6.38 -0.25 4.64
CA PRO A 14 6.31 -1.70 4.30
C PRO A 14 4.99 -2.08 3.61
N ASN A 15 4.96 -3.20 2.94
CA ASN A 15 3.71 -3.63 2.24
C ASN A 15 3.30 -2.59 1.21
N LEU A 16 4.21 -1.74 0.79
CA LEU A 16 3.89 -0.71 -0.24
C LEU A 16 5.00 -0.69 -1.29
N TYR A 17 4.66 -1.00 -2.52
CA TYR A 17 5.67 -1.02 -3.62
C TYR A 17 5.36 0.07 -4.64
N ILE A 18 6.19 0.19 -5.64
CA ILE A 18 5.94 1.22 -6.70
C ILE A 18 6.30 0.66 -8.07
N ARG A 19 5.60 1.09 -9.09
CA ARG A 19 5.88 0.59 -10.46
C ARG A 19 6.91 1.49 -11.14
N ASN A 20 7.66 0.96 -12.07
CA ASN A 20 8.67 1.79 -12.77
C ASN A 20 7.99 2.99 -13.40
N ASN A 21 6.67 2.99 -13.44
CA ASN A 21 5.93 4.13 -14.03
C ASN A 21 5.68 5.17 -12.94
N GLY A 22 6.11 4.90 -11.74
CA GLY A 22 5.90 5.88 -10.64
C GLY A 22 4.52 5.66 -10.01
N TYR A 23 3.85 4.61 -10.39
CA TYR A 23 2.49 4.34 -9.81
C TYR A 23 2.67 3.54 -8.51
N TYR A 24 2.07 4.01 -7.44
CA TYR A 24 2.21 3.31 -6.14
C TYR A 24 1.18 2.18 -6.05
N CYS A 25 1.50 1.12 -5.34
CA CYS A 25 0.55 -0.02 -5.21
C CYS A 25 0.75 -0.71 -3.86
N TYR A 26 -0.32 -0.97 -3.14
CA TYR A 26 -0.18 -1.65 -1.81
C TYR A 26 -0.37 -3.15 -1.97
N ARG A 27 0.41 -3.92 -1.25
CA ARG A 27 0.30 -5.41 -1.35
C ARG A 27 -0.46 -5.97 -0.15
N ASP A 28 -1.64 -6.47 -0.37
CA ASP A 28 -2.45 -7.03 0.74
C ASP A 28 -1.92 -8.42 1.12
N PRO A 29 -1.79 -8.73 2.40
CA PRO A 29 -1.30 -10.08 2.84
C PRO A 29 -2.44 -11.11 2.85
N ARG A 30 -3.53 -10.80 2.20
CA ARG A 30 -4.68 -11.75 2.18
C ARG A 30 -4.49 -12.73 1.02
N THR A 31 -4.62 -12.25 -0.20
CA THR A 31 -4.45 -13.13 -1.39
C THR A 31 -3.09 -12.82 -2.03
N GLY A 32 -2.54 -11.68 -1.72
CA GLY A 32 -1.20 -11.30 -2.28
C GLY A 32 -1.37 -10.41 -3.52
N LYS A 33 -2.57 -10.00 -3.83
CA LYS A 33 -2.77 -9.13 -5.02
C LYS A 33 -2.32 -7.70 -4.69
N GLU A 34 -2.52 -6.77 -5.59
CA GLU A 34 -2.09 -5.35 -5.34
C GLU A 34 -3.24 -4.38 -5.65
N PHE A 35 -3.20 -3.21 -5.06
CA PHE A 35 -4.27 -2.19 -5.30
C PHE A 35 -3.64 -0.96 -5.97
N GLY A 36 -4.18 -0.53 -7.07
CA GLY A 36 -3.62 0.67 -7.76
C GLY A 36 -4.08 1.93 -7.03
N LEU A 37 -3.16 2.67 -6.46
CA LEU A 37 -3.53 3.92 -5.73
C LEU A 37 -3.32 5.13 -6.63
N GLY A 38 -2.10 5.38 -7.01
CA GLY A 38 -1.81 6.54 -7.89
C GLY A 38 -0.32 6.87 -7.82
N ARG A 39 0.08 7.95 -8.43
CA ARG A 39 1.52 8.34 -8.40
C ARG A 39 1.76 9.29 -7.23
N ASP A 40 0.78 9.46 -6.39
CA ASP A 40 0.93 10.38 -5.22
C ASP A 40 1.38 9.59 -3.99
N ARG A 41 2.63 9.71 -3.64
CA ARG A 41 3.17 8.98 -2.45
C ARG A 41 2.42 9.43 -1.19
N ARG A 42 1.79 10.56 -1.23
CA ARG A 42 1.03 11.05 -0.05
C ARG A 42 -0.29 10.30 0.03
N ILE A 43 -1.07 10.34 -1.01
CA ILE A 43 -2.37 9.63 -1.00
C ILE A 43 -2.12 8.12 -0.91
N ALA A 44 -1.09 7.66 -1.55
CA ALA A 44 -0.80 6.21 -1.52
C ALA A 44 -0.39 5.81 -0.09
N ILE A 45 0.61 6.44 0.46
CA ILE A 45 1.03 6.10 1.83
C ILE A 45 -0.18 6.21 2.77
N THR A 46 -1.04 7.17 2.53
CA THR A 46 -2.24 7.31 3.40
C THR A 46 -3.00 5.98 3.43
N GLU A 47 -3.36 5.47 2.28
CA GLU A 47 -4.12 4.19 2.24
C GLU A 47 -3.26 3.05 2.81
N ALA A 48 -2.01 3.01 2.44
CA ALA A 48 -1.12 1.94 2.96
C ALA A 48 -1.12 1.96 4.49
N ILE A 49 -1.08 3.13 5.07
CA ILE A 49 -1.06 3.22 6.57
C ILE A 49 -2.33 2.56 7.14
N GLN A 50 -3.46 2.75 6.53
CA GLN A 50 -4.70 2.12 7.06
C GLN A 50 -4.54 0.61 7.01
N ALA A 51 -4.01 0.11 5.93
CA ALA A 51 -3.81 -1.35 5.82
C ALA A 51 -2.79 -1.81 6.86
N ASN A 52 -1.82 -0.97 7.16
CA ASN A 52 -0.80 -1.34 8.16
C ASN A 52 -1.47 -1.51 9.53
N ILE A 53 -2.45 -0.70 9.83
CA ILE A 53 -3.13 -0.82 11.14
C ILE A 53 -3.91 -2.13 11.16
N GLU A 54 -4.30 -2.62 10.02
CA GLU A 54 -5.06 -3.91 9.97
C GLU A 54 -4.12 -5.06 10.33
N LEU A 55 -2.85 -4.93 10.04
CA LEU A 55 -1.90 -6.04 10.39
C LEU A 55 -1.84 -6.17 11.92
N PHE A 56 -2.33 -5.19 12.64
CA PHE A 56 -2.29 -5.26 14.13
C PHE A 56 -3.65 -5.72 14.69
N SER A 57 -4.56 -6.10 13.85
CA SER A 57 -5.89 -6.55 14.34
C SER A 57 -6.71 -7.16 13.21
N GLY A 58 -6.52 -6.69 12.01
CA GLY A 58 -7.29 -7.25 10.86
C GLY A 58 -8.74 -6.78 10.94
N HIS A 59 -9.08 -5.74 10.22
CA HIS A 59 -10.49 -5.25 10.26
C HIS A 59 -10.77 -4.43 8.99
N ASP A 11 12.76 3.10 2.38
CA ASP A 11 12.16 4.46 2.32
C ASP A 11 10.64 4.34 2.22
N LEU A 12 10.15 3.49 1.37
CA LEU A 12 8.67 3.32 1.24
C LEU A 12 8.19 2.42 2.39
N PRO A 13 6.98 2.60 2.86
CA PRO A 13 6.43 1.75 3.97
C PRO A 13 6.39 0.27 3.57
N PRO A 14 6.35 -0.62 4.53
CA PRO A 14 6.31 -2.09 4.26
C PRO A 14 4.96 -2.50 3.65
N ASN A 15 4.94 -3.57 2.91
CA ASN A 15 3.68 -4.04 2.26
C ASN A 15 3.35 -3.12 1.09
N LEU A 16 4.05 -2.02 0.95
CA LEU A 16 3.78 -1.08 -0.18
C LEU A 16 4.89 -1.19 -1.24
N TYR A 17 4.54 -0.99 -2.48
CA TYR A 17 5.55 -1.08 -3.58
C TYR A 17 5.34 0.07 -4.55
N ILE A 18 5.98 0.03 -5.69
CA ILE A 18 5.81 1.12 -6.70
C ILE A 18 5.91 0.53 -8.11
N ARG A 19 5.24 1.14 -9.06
CA ARG A 19 5.29 0.61 -10.46
C ARG A 19 6.41 1.32 -11.23
N ASN A 20 6.99 0.66 -12.19
CA ASN A 20 8.08 1.29 -12.98
C ASN A 20 7.54 2.56 -13.65
N ASN A 21 6.25 2.73 -13.63
CA ASN A 21 5.64 3.95 -14.26
C ASN A 21 5.55 5.04 -13.21
N GLY A 22 6.00 4.75 -12.01
CA GLY A 22 5.94 5.77 -10.92
C GLY A 22 4.59 5.72 -10.21
N TYR A 23 3.80 4.72 -10.49
CA TYR A 23 2.47 4.61 -9.82
C TYR A 23 2.66 3.86 -8.50
N TYR A 24 2.04 4.33 -7.44
CA TYR A 24 2.19 3.65 -6.12
C TYR A 24 1.19 2.50 -6.04
N CYS A 25 1.49 1.49 -5.28
CA CYS A 25 0.56 0.33 -5.16
C CYS A 25 0.77 -0.39 -3.81
N TYR A 26 -0.29 -0.91 -3.25
CA TYR A 26 -0.17 -1.65 -1.94
C TYR A 26 -0.39 -3.14 -2.20
N ARG A 27 0.12 -4.00 -1.34
CA ARG A 27 -0.06 -5.47 -1.56
C ARG A 27 -0.53 -6.13 -0.27
N ASP A 28 -1.67 -6.75 -0.29
CA ASP A 28 -2.17 -7.42 0.95
C ASP A 28 -1.39 -8.74 1.14
N PRO A 29 -0.92 -9.05 2.33
CA PRO A 29 -0.16 -10.32 2.58
C PRO A 29 -1.07 -11.54 2.75
N ARG A 30 -2.27 -11.51 2.21
CA ARG A 30 -3.17 -12.69 2.35
C ARG A 30 -2.91 -13.65 1.19
N THR A 31 -3.23 -13.24 -0.01
CA THR A 31 -3.00 -14.10 -1.21
C THR A 31 -1.92 -13.44 -2.08
N GLY A 32 -1.65 -12.18 -1.85
CA GLY A 32 -0.60 -11.47 -2.64
C GLY A 32 -1.26 -10.59 -3.70
N LYS A 33 -2.44 -10.11 -3.45
CA LYS A 33 -3.13 -9.24 -4.44
C LYS A 33 -2.54 -7.83 -4.39
N GLU A 34 -3.01 -6.93 -5.23
CA GLU A 34 -2.48 -5.52 -5.23
C GLU A 34 -3.62 -4.51 -5.20
N PHE A 35 -3.30 -3.28 -4.88
CA PHE A 35 -4.34 -2.20 -4.84
C PHE A 35 -3.74 -0.92 -5.43
N GLY A 36 -4.24 -0.50 -6.56
CA GLY A 36 -3.70 0.74 -7.20
C GLY A 36 -4.12 1.96 -6.40
N LEU A 37 -3.18 2.81 -6.04
CA LEU A 37 -3.51 4.04 -5.25
C LEU A 37 -3.42 5.26 -6.17
N GLY A 38 -2.29 5.49 -6.76
CA GLY A 38 -2.15 6.67 -7.66
C GLY A 38 -0.66 7.03 -7.83
N ARG A 39 -0.37 8.26 -8.20
CA ARG A 39 1.04 8.68 -8.40
C ARG A 39 1.49 9.62 -7.26
N ASP A 40 0.62 9.86 -6.32
CA ASP A 40 0.98 10.78 -5.19
C ASP A 40 1.44 9.97 -3.97
N ARG A 41 2.73 9.99 -3.67
CA ARG A 41 3.23 9.22 -2.49
C ARG A 41 2.56 9.76 -1.22
N ARG A 42 1.97 10.91 -1.30
CA ARG A 42 1.30 11.49 -0.10
C ARG A 42 0.00 10.74 0.14
N ILE A 43 -0.85 10.67 -0.84
CA ILE A 43 -2.14 9.95 -0.67
C ILE A 43 -1.87 8.44 -0.65
N ALA A 44 -0.93 7.97 -1.42
CA ALA A 44 -0.65 6.51 -1.45
C ALA A 44 -0.14 6.08 -0.06
N ILE A 45 0.92 6.69 0.41
CA ILE A 45 1.45 6.31 1.75
C ILE A 45 0.32 6.35 2.78
N THR A 46 -0.54 7.33 2.69
CA THR A 46 -1.66 7.43 3.67
C THR A 46 -2.44 6.11 3.71
N GLU A 47 -2.94 5.67 2.60
CA GLU A 47 -3.72 4.40 2.56
C GLU A 47 -2.84 3.26 3.05
N ALA A 48 -1.59 3.29 2.74
CA ALA A 48 -0.68 2.21 3.20
C ALA A 48 -0.78 2.10 4.72
N ILE A 49 -0.76 3.20 5.42
CA ILE A 49 -0.86 3.16 6.90
C ILE A 49 -2.20 2.56 7.33
N GLN A 50 -3.28 2.97 6.73
CA GLN A 50 -4.61 2.41 7.11
C GLN A 50 -4.61 0.91 6.86
N ALA A 51 -4.05 0.51 5.76
CA ALA A 51 -3.99 -0.94 5.44
C ALA A 51 -3.12 -1.65 6.49
N ASN A 52 -2.07 -1.01 6.91
CA ASN A 52 -1.17 -1.62 7.93
C ASN A 52 -1.88 -1.66 9.29
N ILE A 53 -2.54 -0.61 9.65
CA ILE A 53 -3.24 -0.57 10.96
C ILE A 53 -4.41 -1.55 10.93
N GLU A 54 -5.07 -1.66 9.83
CA GLU A 54 -6.22 -2.60 9.74
C GLU A 54 -5.69 -4.04 9.77
N LEU A 55 -4.44 -4.22 9.48
CA LEU A 55 -3.85 -5.59 9.48
C LEU A 55 -3.96 -6.15 10.90
N PHE A 56 -3.65 -5.36 11.89
CA PHE A 56 -3.73 -5.83 13.31
C PHE A 56 -5.13 -5.54 13.85
N SER A 57 -6.00 -5.01 13.04
CA SER A 57 -7.38 -4.71 13.53
C SER A 57 -8.36 -4.75 12.35
N GLY A 58 -8.64 -5.93 11.86
CA GLY A 58 -9.61 -6.06 10.72
C GLY A 58 -11.01 -6.32 11.29
N HIS A 59 -11.98 -5.55 10.88
CA HIS A 59 -13.37 -5.73 11.40
C HIS A 59 -13.33 -5.99 12.90
N ASP A 11 12.86 3.88 3.45
CA ASP A 11 12.37 4.83 2.42
C ASP A 11 10.85 4.66 2.24
N LEU A 12 10.44 3.72 1.43
CA LEU A 12 8.98 3.48 1.23
C LEU A 12 8.46 2.58 2.34
N PRO A 13 7.21 2.71 2.74
CA PRO A 13 6.63 1.86 3.82
C PRO A 13 6.64 0.38 3.42
N PRO A 14 6.60 -0.51 4.37
CA PRO A 14 6.60 -1.98 4.10
C PRO A 14 5.32 -2.44 3.41
N ASN A 15 5.33 -3.63 2.86
CA ASN A 15 4.11 -4.15 2.16
C ASN A 15 3.76 -3.27 0.96
N LEU A 16 4.38 -2.11 0.83
CA LEU A 16 4.07 -1.21 -0.33
C LEU A 16 5.19 -1.29 -1.37
N TYR A 17 4.87 -1.01 -2.61
CA TYR A 17 5.91 -1.08 -3.69
C TYR A 17 5.75 0.11 -4.64
N ILE A 18 6.57 0.17 -5.66
CA ILE A 18 6.49 1.28 -6.65
C ILE A 18 6.56 0.69 -8.06
N ARG A 19 5.75 1.15 -8.98
CA ARG A 19 5.76 0.61 -10.36
C ARG A 19 6.74 1.41 -11.22
N ASN A 20 7.46 0.75 -12.09
CA ASN A 20 8.44 1.48 -12.95
C ASN A 20 7.74 2.66 -13.61
N ASN A 21 6.44 2.69 -13.57
CA ASN A 21 5.68 3.81 -14.20
C ASN A 21 5.49 4.91 -13.17
N GLY A 22 5.99 4.73 -11.97
CA GLY A 22 5.86 5.77 -10.92
C GLY A 22 4.49 5.65 -10.23
N TYR A 23 3.78 4.59 -10.49
CA TYR A 23 2.45 4.40 -9.84
C TYR A 23 2.65 3.67 -8.51
N TYR A 24 2.07 4.18 -7.46
CA TYR A 24 2.23 3.55 -6.13
C TYR A 24 1.19 2.45 -5.97
N CYS A 25 1.53 1.36 -5.32
CA CYS A 25 0.54 0.26 -5.13
C CYS A 25 0.81 -0.47 -3.81
N TYR A 26 -0.22 -0.85 -3.10
CA TYR A 26 -0.03 -1.57 -1.80
C TYR A 26 -0.29 -3.06 -2.00
N ARG A 27 0.46 -3.89 -1.32
CA ARG A 27 0.26 -5.38 -1.46
C ARG A 27 -0.30 -5.96 -0.16
N ASP A 28 -1.48 -6.49 -0.21
CA ASP A 28 -2.08 -7.09 1.01
C ASP A 28 -1.38 -8.42 1.32
N PRO A 29 -0.87 -8.63 2.51
CA PRO A 29 -0.18 -9.91 2.88
C PRO A 29 -1.18 -11.04 3.17
N ARG A 30 -2.44 -10.72 3.25
CA ARG A 30 -3.47 -11.77 3.53
C ARG A 30 -3.95 -12.34 2.20
N THR A 31 -3.98 -11.53 1.17
CA THR A 31 -4.43 -12.01 -0.17
C THR A 31 -3.23 -12.03 -1.12
N GLY A 32 -2.26 -11.20 -0.88
CA GLY A 32 -1.06 -11.18 -1.76
C GLY A 32 -1.31 -10.34 -3.01
N LYS A 33 -2.54 -9.96 -3.24
CA LYS A 33 -2.84 -9.15 -4.46
C LYS A 33 -2.32 -7.72 -4.28
N GLU A 34 -2.61 -6.84 -5.22
CA GLU A 34 -2.15 -5.43 -5.13
C GLU A 34 -3.34 -4.47 -5.13
N PHE A 35 -3.08 -3.21 -4.84
CA PHE A 35 -4.19 -2.19 -4.82
C PHE A 35 -3.69 -0.92 -5.50
N GLY A 36 -4.29 -0.56 -6.61
CA GLY A 36 -3.86 0.68 -7.32
C GLY A 36 -4.28 1.92 -6.53
N LEU A 37 -3.33 2.73 -6.14
CA LEU A 37 -3.67 3.98 -5.36
C LEU A 37 -3.56 5.17 -6.30
N GLY A 38 -2.39 5.43 -6.80
CA GLY A 38 -2.20 6.58 -7.73
C GLY A 38 -0.74 7.01 -7.70
N ARG A 39 -0.43 8.12 -8.33
CA ARG A 39 0.98 8.61 -8.35
C ARG A 39 1.20 9.59 -7.21
N ASP A 40 0.24 9.71 -6.34
CA ASP A 40 0.36 10.66 -5.19
C ASP A 40 0.96 9.93 -3.98
N ARG A 41 2.25 10.05 -3.80
CA ARG A 41 2.93 9.39 -2.65
C ARG A 41 2.26 9.83 -1.34
N ARG A 42 1.61 10.96 -1.35
CA ARG A 42 0.95 11.46 -0.12
C ARG A 42 -0.32 10.66 0.11
N ILE A 43 -1.12 10.48 -0.90
CA ILE A 43 -2.39 9.72 -0.73
C ILE A 43 -2.07 8.23 -0.71
N ALA A 44 -1.09 7.81 -1.46
CA ALA A 44 -0.74 6.36 -1.49
C ALA A 44 -0.22 5.94 -0.12
N ILE A 45 0.83 6.56 0.36
CA ILE A 45 1.36 6.18 1.69
C ILE A 45 0.24 6.27 2.73
N THR A 46 -0.64 7.22 2.60
CA THR A 46 -1.75 7.36 3.58
C THR A 46 -2.50 6.02 3.66
N GLU A 47 -2.99 5.55 2.56
CA GLU A 47 -3.75 4.27 2.56
C GLU A 47 -2.85 3.14 3.07
N ALA A 48 -1.62 3.15 2.66
CA ALA A 48 -0.70 2.06 3.13
C ALA A 48 -0.76 1.98 4.65
N ILE A 49 -0.74 3.10 5.32
CA ILE A 49 -0.80 3.08 6.81
C ILE A 49 -2.11 2.45 7.27
N GLN A 50 -3.21 2.83 6.65
CA GLN A 50 -4.52 2.23 7.05
C GLN A 50 -4.48 0.74 6.74
N ALA A 51 -3.80 0.38 5.69
CA ALA A 51 -3.70 -1.06 5.32
C ALA A 51 -2.90 -1.79 6.39
N ASN A 52 -1.93 -1.14 6.97
CA ASN A 52 -1.11 -1.80 8.02
C ASN A 52 -1.98 -2.09 9.25
N ILE A 53 -2.81 -1.18 9.64
CA ILE A 53 -3.68 -1.42 10.82
C ILE A 53 -4.70 -2.51 10.46
N GLU A 54 -5.15 -2.51 9.25
CA GLU A 54 -6.14 -3.54 8.82
C GLU A 54 -5.44 -4.90 8.77
N LEU A 55 -4.14 -4.89 8.68
CA LEU A 55 -3.39 -6.19 8.63
C LEU A 55 -3.73 -7.00 9.87
N PHE A 56 -3.68 -6.38 11.02
CA PHE A 56 -4.00 -7.11 12.28
C PHE A 56 -5.52 -7.21 12.42
N SER A 57 -6.24 -6.83 11.40
CA SER A 57 -7.73 -6.91 11.47
C SER A 57 -8.24 -6.05 12.63
N GLY A 58 -7.47 -5.10 13.07
CA GLY A 58 -7.92 -4.24 14.20
C GLY A 58 -7.88 -5.04 15.50
N HIS A 59 -8.48 -4.53 16.54
CA HIS A 59 -8.47 -5.27 17.83
C HIS A 59 -7.03 -5.62 18.21
N ASP A 11 12.73 2.31 1.89
CA ASP A 11 12.47 3.64 2.52
C ASP A 11 10.96 3.90 2.56
N LEU A 12 10.22 3.34 1.64
CA LEU A 12 8.74 3.57 1.61
C LEU A 12 8.07 2.60 2.60
N PRO A 13 6.94 3.00 3.18
CA PRO A 13 6.18 2.14 4.12
C PRO A 13 6.26 0.64 3.76
N PRO A 14 6.03 -0.23 4.69
CA PRO A 14 6.09 -1.70 4.45
C PRO A 14 4.95 -2.17 3.53
N ASN A 15 5.11 -3.31 2.91
CA ASN A 15 4.03 -3.83 2.01
C ASN A 15 3.66 -2.77 0.97
N LEU A 16 4.52 -1.80 0.74
CA LEU A 16 4.23 -0.74 -0.28
C LEU A 16 5.40 -0.65 -1.25
N TYR A 17 5.14 -0.77 -2.52
CA TYR A 17 6.23 -0.72 -3.54
C TYR A 17 5.98 0.41 -4.54
N ILE A 18 6.76 0.43 -5.58
CA ILE A 18 6.61 1.49 -6.63
C ILE A 18 6.50 0.81 -8.01
N ARG A 19 5.67 1.32 -8.88
CA ARG A 19 5.52 0.69 -10.23
C ARG A 19 6.49 1.36 -11.22
N ASN A 20 7.03 0.61 -12.13
CA ASN A 20 7.99 1.20 -13.12
C ASN A 20 7.34 2.40 -13.81
N ASN A 21 6.04 2.50 -13.76
CA ASN A 21 5.36 3.64 -14.42
C ASN A 21 5.30 4.80 -13.43
N GLY A 22 5.84 4.60 -12.25
CA GLY A 22 5.83 5.69 -11.23
C GLY A 22 4.55 5.61 -10.40
N TYR A 23 3.72 4.62 -10.65
CA TYR A 23 2.46 4.49 -9.86
C TYR A 23 2.75 3.74 -8.56
N TYR A 24 2.15 4.17 -7.48
CA TYR A 24 2.37 3.48 -6.18
C TYR A 24 1.40 2.29 -6.07
N CYS A 25 1.81 1.21 -5.44
CA CYS A 25 0.90 0.03 -5.31
C CYS A 25 1.14 -0.68 -3.98
N TYR A 26 0.08 -0.95 -3.25
CA TYR A 26 0.21 -1.64 -1.92
C TYR A 26 -0.12 -3.12 -2.12
N ARG A 27 0.49 -3.98 -1.34
CA ARG A 27 0.22 -5.45 -1.47
C ARG A 27 -0.68 -5.90 -0.31
N ASP A 28 -1.85 -6.38 -0.61
CA ASP A 28 -2.77 -6.84 0.48
C ASP A 28 -2.23 -8.13 1.10
N PRO A 29 -2.50 -8.38 2.36
CA PRO A 29 -2.03 -9.63 3.06
C PRO A 29 -2.97 -10.83 2.85
N ARG A 30 -4.11 -10.61 2.27
CA ARG A 30 -5.09 -11.72 2.08
C ARG A 30 -4.86 -12.43 0.74
N THR A 31 -4.71 -11.68 -0.32
CA THR A 31 -4.49 -12.29 -1.67
C THR A 31 -3.05 -12.04 -2.12
N GLY A 32 -2.34 -11.19 -1.43
CA GLY A 32 -0.94 -10.90 -1.84
C GLY A 32 -0.92 -10.15 -3.17
N LYS A 33 -2.07 -9.85 -3.71
CA LYS A 33 -2.10 -9.12 -5.01
C LYS A 33 -1.71 -7.65 -4.77
N GLU A 34 -1.71 -6.85 -5.81
CA GLU A 34 -1.33 -5.41 -5.66
C GLU A 34 -2.57 -4.53 -5.85
N PHE A 35 -2.46 -3.27 -5.54
CA PHE A 35 -3.63 -2.35 -5.70
C PHE A 35 -3.14 -1.00 -6.23
N GLY A 36 -3.60 -0.60 -7.38
CA GLY A 36 -3.17 0.71 -7.94
C GLY A 36 -3.78 1.83 -7.10
N LEU A 37 -2.95 2.70 -6.56
CA LEU A 37 -3.46 3.83 -5.73
C LEU A 37 -3.32 5.13 -6.52
N GLY A 38 -2.19 5.32 -7.15
CA GLY A 38 -1.96 6.56 -7.94
C GLY A 38 -0.48 6.94 -7.87
N ARG A 39 -0.10 8.01 -8.52
CA ARG A 39 1.33 8.42 -8.49
C ARG A 39 1.51 9.41 -7.34
N ASP A 40 0.53 9.53 -6.50
CA ASP A 40 0.59 10.49 -5.35
C ASP A 40 1.05 9.75 -4.09
N ARG A 41 2.28 9.95 -3.70
CA ARG A 41 2.80 9.29 -2.46
C ARG A 41 1.96 9.74 -1.25
N ARG A 42 1.27 10.83 -1.39
CA ARG A 42 0.44 11.34 -0.26
C ARG A 42 -0.77 10.43 -0.08
N ILE A 43 -1.55 10.30 -1.10
CA ILE A 43 -2.77 9.45 -1.01
C ILE A 43 -2.35 7.98 -0.90
N ALA A 44 -1.32 7.60 -1.59
CA ALA A 44 -0.87 6.18 -1.55
C ALA A 44 -0.37 5.84 -0.13
N ILE A 45 0.58 6.56 0.37
CA ILE A 45 1.11 6.26 1.74
C ILE A 45 -0.05 6.25 2.74
N THR A 46 -1.05 7.07 2.52
CA THR A 46 -2.21 7.10 3.45
C THR A 46 -2.86 5.71 3.51
N GLU A 47 -3.17 5.15 2.39
CA GLU A 47 -3.83 3.81 2.37
C GLU A 47 -2.93 2.76 3.00
N ALA A 48 -1.68 2.77 2.65
CA ALA A 48 -0.73 1.76 3.21
C ALA A 48 -0.73 1.80 4.75
N ILE A 49 -0.72 2.96 5.33
CA ILE A 49 -0.69 3.05 6.83
C ILE A 49 -1.92 2.39 7.47
N GLN A 50 -3.10 2.75 7.05
CA GLN A 50 -4.32 2.16 7.66
C GLN A 50 -4.30 0.64 7.45
N ALA A 51 -3.71 0.19 6.38
CA ALA A 51 -3.64 -1.27 6.13
C ALA A 51 -2.76 -1.93 7.20
N ASN A 52 -1.74 -1.24 7.63
CA ASN A 52 -0.82 -1.82 8.65
C ASN A 52 -1.53 -1.94 10.01
N ILE A 53 -2.33 -0.98 10.37
CA ILE A 53 -3.02 -1.04 11.69
C ILE A 53 -4.03 -2.17 11.69
N GLU A 54 -4.67 -2.41 10.58
CA GLU A 54 -5.67 -3.51 10.52
C GLU A 54 -4.96 -4.86 10.61
N LEU A 55 -3.72 -4.93 10.17
CA LEU A 55 -2.98 -6.22 10.22
C LEU A 55 -2.83 -6.65 11.68
N PHE A 56 -3.30 -5.86 12.61
CA PHE A 56 -3.18 -6.21 14.05
C PHE A 56 -4.44 -5.77 14.79
N SER A 57 -5.42 -5.26 14.08
CA SER A 57 -6.67 -4.80 14.74
C SER A 57 -7.87 -5.10 13.82
N GLY A 58 -7.91 -6.29 13.27
CA GLY A 58 -9.05 -6.67 12.37
C GLY A 58 -10.11 -7.42 13.18
N HIS A 59 -9.71 -8.43 13.90
CA HIS A 59 -10.69 -9.22 14.71
C HIS A 59 -11.80 -9.74 13.80
N ASP A 11 13.09 3.96 0.99
CA ASP A 11 12.48 4.97 1.91
C ASP A 11 10.96 4.82 1.89
N LEU A 12 10.45 3.92 1.10
CA LEU A 12 8.97 3.72 1.03
C LEU A 12 8.54 2.78 2.18
N PRO A 13 7.33 2.92 2.66
CA PRO A 13 6.81 2.05 3.76
C PRO A 13 6.72 0.58 3.32
N PRO A 14 6.72 -0.34 4.24
CA PRO A 14 6.64 -1.80 3.93
C PRO A 14 5.33 -2.18 3.25
N ASN A 15 5.24 -3.39 2.77
CA ASN A 15 3.99 -3.84 2.10
C ASN A 15 3.60 -2.85 1.01
N LEU A 16 4.47 -1.91 0.70
CA LEU A 16 4.15 -0.90 -0.37
C LEU A 16 5.36 -0.75 -1.29
N TYR A 17 5.11 -0.70 -2.58
CA TYR A 17 6.22 -0.55 -3.56
C TYR A 17 5.84 0.44 -4.63
N ILE A 18 6.45 0.35 -5.78
CA ILE A 18 6.11 1.29 -6.89
C ILE A 18 6.24 0.57 -8.24
N ARG A 19 5.49 1.04 -9.21
CA ARG A 19 5.53 0.41 -10.57
C ARG A 19 6.53 1.16 -11.45
N ASN A 20 7.09 0.49 -12.43
CA ASN A 20 8.06 1.17 -13.34
C ASN A 20 7.40 2.40 -13.95
N ASN A 21 6.12 2.56 -13.75
CA ASN A 21 5.40 3.74 -14.32
C ASN A 21 5.43 4.87 -13.29
N GLY A 22 5.99 4.63 -12.14
CA GLY A 22 6.05 5.69 -11.09
C GLY A 22 4.76 5.66 -10.27
N TYR A 23 3.93 4.68 -10.50
CA TYR A 23 2.65 4.58 -9.74
C TYR A 23 2.90 3.79 -8.45
N TYR A 24 2.30 4.21 -7.37
CA TYR A 24 2.48 3.50 -6.07
C TYR A 24 1.48 2.34 -5.99
N CYS A 25 1.81 1.31 -5.26
CA CYS A 25 0.86 0.15 -5.13
C CYS A 25 1.05 -0.54 -3.78
N TYR A 26 -0.03 -0.92 -3.14
CA TYR A 26 0.07 -1.61 -1.82
C TYR A 26 -0.10 -3.12 -2.02
N ARG A 27 0.56 -3.91 -1.22
CA ARG A 27 0.43 -5.40 -1.36
C ARG A 27 -0.43 -5.95 -0.21
N ASP A 28 -1.60 -6.43 -0.52
CA ASP A 28 -2.48 -6.99 0.54
C ASP A 28 -1.92 -8.36 0.98
N PRO A 29 -1.67 -8.57 2.25
CA PRO A 29 -1.13 -9.87 2.75
C PRO A 29 -2.19 -10.97 2.85
N ARG A 30 -3.44 -10.64 2.65
CA ARG A 30 -4.52 -11.67 2.73
C ARG A 30 -4.71 -12.33 1.36
N THR A 31 -4.43 -11.60 0.30
CA THR A 31 -4.57 -12.18 -1.08
C THR A 31 -3.19 -12.21 -1.73
N GLY A 32 -2.32 -11.31 -1.34
CA GLY A 32 -0.94 -11.28 -1.92
C GLY A 32 -0.90 -10.43 -3.18
N LYS A 33 -2.03 -10.09 -3.72
CA LYS A 33 -2.04 -9.25 -4.97
C LYS A 33 -1.73 -7.79 -4.62
N GLU A 34 -1.73 -6.93 -5.61
CA GLU A 34 -1.42 -5.48 -5.37
C GLU A 34 -2.68 -4.65 -5.54
N PHE A 35 -2.60 -3.37 -5.26
CA PHE A 35 -3.79 -2.47 -5.39
C PHE A 35 -3.34 -1.14 -6.02
N GLY A 36 -3.94 -0.76 -7.11
CA GLY A 36 -3.55 0.53 -7.77
C GLY A 36 -4.02 1.69 -6.91
N LEU A 37 -3.15 2.63 -6.64
CA LEU A 37 -3.51 3.82 -5.79
C LEU A 37 -3.37 5.10 -6.61
N GLY A 38 -2.20 5.33 -7.15
CA GLY A 38 -1.98 6.58 -7.96
C GLY A 38 -0.53 7.03 -7.78
N ARG A 39 -0.20 8.20 -8.27
CA ARG A 39 1.20 8.71 -8.12
C ARG A 39 1.27 9.62 -6.90
N ASP A 40 0.24 9.64 -6.12
CA ASP A 40 0.23 10.53 -4.91
C ASP A 40 0.78 9.76 -3.71
N ARG A 41 2.06 9.82 -3.47
CA ARG A 41 2.62 9.10 -2.31
C ARG A 41 1.88 9.57 -1.06
N ARG A 42 1.12 10.62 -1.19
CA ARG A 42 0.35 11.16 -0.04
C ARG A 42 -0.83 10.23 0.26
N ILE A 43 -1.67 10.01 -0.71
CA ILE A 43 -2.84 9.13 -0.48
C ILE A 43 -2.37 7.68 -0.45
N ALA A 44 -1.42 7.34 -1.27
CA ALA A 44 -0.93 5.93 -1.29
C ALA A 44 -0.30 5.59 0.06
N ILE A 45 0.69 6.32 0.50
CA ILE A 45 1.30 6.00 1.82
C ILE A 45 0.21 6.03 2.88
N THR A 46 -0.69 6.98 2.79
CA THR A 46 -1.78 7.06 3.79
C THR A 46 -2.55 5.74 3.82
N GLU A 47 -3.06 5.31 2.71
CA GLU A 47 -3.83 4.04 2.69
C GLU A 47 -2.93 2.89 3.15
N ALA A 48 -1.65 3.02 2.95
CA ALA A 48 -0.70 1.97 3.40
C ALA A 48 -0.77 1.88 4.94
N ILE A 49 -0.68 2.99 5.59
CA ILE A 49 -0.73 3.00 7.09
C ILE A 49 -2.04 2.40 7.58
N GLN A 50 -3.15 2.86 7.08
CA GLN A 50 -4.45 2.29 7.54
C GLN A 50 -4.44 0.80 7.25
N ALA A 51 -3.86 0.41 6.15
CA ALA A 51 -3.79 -1.04 5.81
C ALA A 51 -2.90 -1.73 6.84
N ASN A 52 -1.85 -1.08 7.25
CA ASN A 52 -0.94 -1.69 8.26
C ASN A 52 -1.67 -1.78 9.60
N ILE A 53 -2.40 -0.76 9.96
CA ILE A 53 -3.13 -0.80 11.25
C ILE A 53 -4.27 -1.80 11.13
N GLU A 54 -4.95 -1.81 10.02
CA GLU A 54 -6.06 -2.75 9.82
C GLU A 54 -5.51 -4.17 9.63
N LEU A 55 -4.25 -4.28 9.29
CA LEU A 55 -3.66 -5.64 9.09
C LEU A 55 -3.79 -6.43 10.39
N PHE A 56 -3.79 -5.75 11.51
CA PHE A 56 -3.92 -6.45 12.82
C PHE A 56 -5.41 -6.65 13.12
N SER A 57 -6.25 -6.36 12.18
CA SER A 57 -7.72 -6.53 12.40
C SER A 57 -8.12 -5.79 13.68
N GLY A 58 -7.27 -4.94 14.17
CA GLY A 58 -7.60 -4.19 15.41
C GLY A 58 -8.77 -3.23 15.14
N HIS A 59 -9.97 -3.69 15.33
CA HIS A 59 -11.15 -2.81 15.08
C HIS A 59 -11.08 -2.25 13.66
N ASP A 11 12.96 3.30 2.52
CA ASP A 11 12.32 4.63 2.34
C ASP A 11 10.81 4.45 2.21
N LEU A 12 10.37 3.57 1.35
CA LEU A 12 8.91 3.36 1.18
C LEU A 12 8.39 2.40 2.28
N PRO A 13 7.16 2.55 2.70
CA PRO A 13 6.57 1.68 3.77
C PRO A 13 6.55 0.20 3.35
N PRO A 14 6.40 -0.69 4.30
CA PRO A 14 6.37 -2.17 4.03
C PRO A 14 5.11 -2.61 3.27
N ASN A 15 5.10 -3.82 2.79
CA ASN A 15 3.91 -4.34 2.05
C ASN A 15 3.47 -3.32 0.99
N LEU A 16 4.36 -2.44 0.57
CA LEU A 16 3.99 -1.44 -0.48
C LEU A 16 5.11 -1.35 -1.51
N TYR A 17 4.77 -1.12 -2.75
CA TYR A 17 5.82 -1.03 -3.82
C TYR A 17 5.52 0.13 -4.75
N ILE A 18 6.28 0.24 -5.82
CA ILE A 18 6.05 1.34 -6.81
C ILE A 18 6.21 0.77 -8.22
N ARG A 19 5.53 1.34 -9.18
CA ARG A 19 5.62 0.82 -10.58
C ARG A 19 6.72 1.54 -11.34
N ASN A 20 7.15 1.02 -12.45
CA ASN A 20 8.22 1.68 -13.24
C ASN A 20 7.70 3.01 -13.78
N ASN A 21 6.41 3.18 -13.78
CA ASN A 21 5.82 4.46 -14.28
C ASN A 21 5.71 5.43 -13.12
N GLY A 22 6.13 5.03 -11.95
CA GLY A 22 6.06 5.92 -10.77
C GLY A 22 4.69 5.80 -10.10
N TYR A 23 3.94 4.79 -10.42
CA TYR A 23 2.60 4.60 -9.79
C TYR A 23 2.76 3.82 -8.49
N TYR A 24 2.12 4.25 -7.44
CA TYR A 24 2.25 3.53 -6.14
C TYR A 24 1.27 2.36 -6.10
N CYS A 25 1.55 1.37 -5.30
CA CYS A 25 0.64 0.19 -5.20
C CYS A 25 0.83 -0.50 -3.85
N TYR A 26 -0.24 -0.86 -3.19
CA TYR A 26 -0.11 -1.56 -1.87
C TYR A 26 -0.31 -3.06 -2.07
N ARG A 27 0.44 -3.86 -1.37
CA ARG A 27 0.32 -5.35 -1.51
C ARG A 27 -0.36 -5.92 -0.25
N ASP A 28 -1.55 -6.45 -0.40
CA ASP A 28 -2.26 -7.03 0.78
C ASP A 28 -1.57 -8.34 1.21
N PRO A 29 -1.31 -8.54 2.48
CA PRO A 29 -0.66 -9.79 2.98
C PRO A 29 -1.65 -10.94 3.15
N ARG A 30 -2.92 -10.68 2.96
CA ARG A 30 -3.94 -11.77 3.12
C ARG A 30 -4.12 -12.50 1.80
N THR A 31 -4.09 -11.79 0.70
CA THR A 31 -4.26 -12.43 -0.65
C THR A 31 -2.94 -12.32 -1.42
N GLY A 32 -2.17 -11.29 -1.17
CA GLY A 32 -0.86 -11.13 -1.87
C GLY A 32 -1.01 -10.29 -3.14
N LYS A 33 -2.22 -10.01 -3.56
CA LYS A 33 -2.42 -9.20 -4.79
C LYS A 33 -2.09 -7.74 -4.50
N GLU A 34 -2.20 -6.88 -5.50
CA GLU A 34 -1.88 -5.42 -5.31
C GLU A 34 -3.12 -4.56 -5.55
N PHE A 35 -3.01 -3.30 -5.25
CA PHE A 35 -4.15 -2.35 -5.45
C PHE A 35 -3.62 -1.04 -6.05
N GLY A 36 -4.12 -0.65 -7.18
CA GLY A 36 -3.64 0.61 -7.82
C GLY A 36 -4.16 1.81 -7.04
N LEU A 37 -3.28 2.66 -6.57
CA LEU A 37 -3.71 3.87 -5.79
C LEU A 37 -3.53 5.11 -6.67
N GLY A 38 -2.31 5.49 -6.91
CA GLY A 38 -2.05 6.70 -7.74
C GLY A 38 -0.57 7.06 -7.70
N ARG A 39 -0.20 8.16 -8.29
CA ARG A 39 1.24 8.57 -8.29
C ARG A 39 1.52 9.50 -7.12
N ASP A 40 0.55 9.68 -6.26
CA ASP A 40 0.74 10.59 -5.08
C ASP A 40 1.16 9.76 -3.87
N ARG A 41 2.43 9.72 -3.58
CA ARG A 41 2.88 8.94 -2.39
C ARG A 41 2.18 9.49 -1.15
N ARG A 42 1.55 10.63 -1.26
CA ARG A 42 0.83 11.22 -0.11
C ARG A 42 -0.46 10.44 0.10
N ILE A 43 -1.20 10.26 -0.96
CA ILE A 43 -2.48 9.51 -0.85
C ILE A 43 -2.20 8.01 -0.79
N ALA A 44 -1.22 7.55 -1.52
CA ALA A 44 -0.89 6.11 -1.52
C ALA A 44 -0.39 5.71 -0.11
N ILE A 45 0.64 6.34 0.37
CA ILE A 45 1.17 6.01 1.73
C ILE A 45 0.04 6.11 2.75
N THR A 46 -0.84 7.06 2.58
CA THR A 46 -1.98 7.21 3.54
C THR A 46 -2.73 5.88 3.62
N GLU A 47 -3.23 5.41 2.51
CA GLU A 47 -3.98 4.12 2.50
C GLU A 47 -3.07 3.01 2.99
N ALA A 48 -1.83 3.06 2.62
CA ALA A 48 -0.87 2.00 3.06
C ALA A 48 -0.85 1.94 4.59
N ILE A 49 -0.85 3.07 5.24
CA ILE A 49 -0.83 3.09 6.73
C ILE A 49 -2.09 2.40 7.29
N GLN A 50 -3.23 2.72 6.75
CA GLN A 50 -4.48 2.08 7.26
C GLN A 50 -4.35 0.57 7.11
N ALA A 51 -3.68 0.14 6.08
CA ALA A 51 -3.50 -1.33 5.88
C ALA A 51 -2.70 -1.89 7.03
N ASN A 52 -1.71 -1.17 7.50
CA ASN A 52 -0.88 -1.67 8.63
C ASN A 52 -1.74 -1.71 9.90
N ILE A 53 -2.55 -0.71 10.12
CA ILE A 53 -3.42 -0.73 11.34
C ILE A 53 -4.49 -1.79 11.15
N GLU A 54 -4.98 -1.93 9.95
CA GLU A 54 -6.01 -2.96 9.68
C GLU A 54 -5.37 -4.35 9.69
N LEU A 55 -4.08 -4.42 9.51
CA LEU A 55 -3.40 -5.75 9.50
C LEU A 55 -3.62 -6.44 10.84
N PHE A 56 -3.99 -5.69 11.86
CA PHE A 56 -4.23 -6.30 13.19
C PHE A 56 -5.70 -6.74 13.26
N SER A 57 -6.43 -6.53 12.21
CA SER A 57 -7.87 -6.94 12.20
C SER A 57 -8.44 -6.73 10.79
N GLY A 58 -7.80 -7.27 9.80
CA GLY A 58 -8.30 -7.11 8.40
C GLY A 58 -9.69 -7.76 8.28
N HIS A 59 -10.18 -8.33 9.33
CA HIS A 59 -11.52 -8.98 9.27
C HIS A 59 -12.60 -7.90 9.17
N ASP A 11 12.90 1.72 1.73
CA ASP A 11 12.64 2.94 2.54
C ASP A 11 11.15 3.27 2.49
N LEU A 12 10.43 2.65 1.59
CA LEU A 12 8.96 2.92 1.48
C LEU A 12 8.20 2.05 2.48
N PRO A 13 7.06 2.49 2.96
CA PRO A 13 6.24 1.71 3.93
C PRO A 13 6.27 0.20 3.62
N PRO A 14 6.02 -0.62 4.60
CA PRO A 14 6.00 -2.11 4.40
C PRO A 14 4.85 -2.56 3.49
N ASN A 15 5.06 -3.61 2.73
CA ASN A 15 3.99 -4.11 1.83
C ASN A 15 3.68 -3.08 0.73
N LEU A 16 4.33 -1.93 0.75
CA LEU A 16 4.07 -0.90 -0.29
C LEU A 16 5.23 -0.85 -1.29
N TYR A 17 4.91 -0.71 -2.56
CA TYR A 17 5.98 -0.65 -3.60
C TYR A 17 5.60 0.40 -4.66
N ILE A 18 6.31 0.41 -5.75
CA ILE A 18 5.99 1.37 -6.85
C ILE A 18 6.28 0.72 -8.20
N ARG A 19 5.51 1.04 -9.20
CA ARG A 19 5.74 0.46 -10.56
C ARG A 19 6.66 1.38 -11.36
N ASN A 20 7.39 0.83 -12.29
CA ASN A 20 8.30 1.67 -13.11
C ASN A 20 7.50 2.83 -13.73
N ASN A 21 6.21 2.77 -13.64
CA ASN A 21 5.36 3.85 -14.22
C ASN A 21 5.17 4.95 -13.17
N GLY A 22 5.77 4.79 -12.02
CA GLY A 22 5.65 5.83 -10.95
C GLY A 22 4.31 5.67 -10.23
N TYR A 23 3.58 4.63 -10.52
CA TYR A 23 2.27 4.42 -9.83
C TYR A 23 2.52 3.66 -8.53
N TYR A 24 2.05 4.18 -7.44
CA TYR A 24 2.26 3.50 -6.13
C TYR A 24 1.20 2.40 -5.95
N CYS A 25 1.55 1.34 -5.26
CA CYS A 25 0.56 0.23 -5.06
C CYS A 25 0.82 -0.45 -3.71
N TYR A 26 -0.23 -0.88 -3.05
CA TYR A 26 -0.07 -1.57 -1.73
C TYR A 26 -0.32 -3.06 -1.91
N ARG A 27 0.34 -3.90 -1.15
CA ARG A 27 0.15 -5.38 -1.29
C ARG A 27 -0.60 -5.95 -0.09
N ASP A 28 -1.72 -6.57 -0.31
CA ASP A 28 -2.49 -7.16 0.81
C ASP A 28 -1.80 -8.47 1.25
N PRO A 29 -1.67 -8.72 2.54
CA PRO A 29 -1.02 -9.97 3.05
C PRO A 29 -1.94 -11.18 2.97
N ARG A 30 -3.11 -11.03 2.40
CA ARG A 30 -4.08 -12.16 2.31
C ARG A 30 -3.84 -12.96 1.02
N THR A 31 -3.89 -12.31 -0.12
CA THR A 31 -3.69 -13.01 -1.43
C THR A 31 -2.42 -12.47 -2.10
N GLY A 32 -1.73 -11.57 -1.46
CA GLY A 32 -0.48 -11.02 -2.05
C GLY A 32 -0.81 -10.19 -3.30
N LYS A 33 -2.06 -9.85 -3.49
CA LYS A 33 -2.42 -9.03 -4.70
C LYS A 33 -1.91 -7.62 -4.50
N GLU A 34 -2.24 -6.73 -5.41
CA GLU A 34 -1.79 -5.31 -5.29
C GLU A 34 -2.99 -4.37 -5.50
N PHE A 35 -2.94 -3.19 -4.92
CA PHE A 35 -4.06 -2.20 -5.08
C PHE A 35 -3.52 -0.98 -5.83
N GLY A 36 -4.18 -0.58 -6.88
CA GLY A 36 -3.70 0.61 -7.65
C GLY A 36 -4.15 1.89 -6.93
N LEU A 37 -3.22 2.66 -6.42
CA LEU A 37 -3.59 3.92 -5.70
C LEU A 37 -3.40 5.12 -6.62
N GLY A 38 -2.20 5.38 -7.04
CA GLY A 38 -1.95 6.55 -7.93
C GLY A 38 -0.47 6.93 -7.87
N ARG A 39 -0.09 7.98 -8.57
CA ARG A 39 1.34 8.40 -8.56
C ARG A 39 1.60 9.38 -7.40
N ASP A 40 0.64 9.56 -6.54
CA ASP A 40 0.82 10.51 -5.39
C ASP A 40 1.25 9.71 -4.15
N ARG A 41 2.49 9.83 -3.76
CA ARG A 41 2.99 9.09 -2.57
C ARG A 41 2.28 9.58 -1.30
N ARG A 42 1.72 10.75 -1.35
CA ARG A 42 1.02 11.31 -0.15
C ARG A 42 -0.28 10.57 0.06
N ILE A 43 -1.06 10.43 -0.97
CA ILE A 43 -2.36 9.73 -0.83
C ILE A 43 -2.11 8.22 -0.77
N ALA A 44 -1.17 7.74 -1.53
CA ALA A 44 -0.87 6.28 -1.52
C ALA A 44 -0.34 5.86 -0.14
N ILE A 45 0.73 6.47 0.29
CA ILE A 45 1.29 6.10 1.63
C ILE A 45 0.20 6.19 2.69
N THR A 46 -0.69 7.14 2.56
CA THR A 46 -1.78 7.27 3.57
C THR A 46 -2.54 5.94 3.68
N GLU A 47 -2.98 5.41 2.58
CA GLU A 47 -3.73 4.13 2.62
C GLU A 47 -2.86 3.04 3.21
N ALA A 48 -1.59 3.09 2.93
CA ALA A 48 -0.67 2.06 3.48
C ALA A 48 -0.75 2.04 5.00
N ILE A 49 -0.65 3.19 5.62
CA ILE A 49 -0.72 3.25 7.11
C ILE A 49 -2.07 2.72 7.61
N GLN A 50 -3.15 3.15 7.01
CA GLN A 50 -4.47 2.64 7.46
C GLN A 50 -4.51 1.13 7.23
N ALA A 51 -3.99 0.71 6.12
CA ALA A 51 -3.98 -0.75 5.81
C ALA A 51 -3.10 -1.47 6.83
N ASN A 52 -2.03 -0.84 7.25
CA ASN A 52 -1.14 -1.48 8.24
C ASN A 52 -1.90 -1.67 9.56
N ILE A 53 -2.78 -0.77 9.87
CA ILE A 53 -3.56 -0.91 11.14
C ILE A 53 -4.55 -2.08 10.98
N GLU A 54 -4.97 -2.35 9.77
CA GLU A 54 -5.92 -3.47 9.56
C GLU A 54 -5.22 -4.80 9.85
N LEU A 55 -3.93 -4.86 9.66
CA LEU A 55 -3.20 -6.13 9.93
C LEU A 55 -3.34 -6.48 11.42
N PHE A 56 -3.75 -5.54 12.24
CA PHE A 56 -3.91 -5.81 13.70
C PHE A 56 -5.39 -5.97 14.03
N SER A 57 -6.26 -5.73 13.09
CA SER A 57 -7.72 -5.87 13.38
C SER A 57 -8.50 -5.96 12.07
N GLY A 58 -7.95 -6.60 11.07
CA GLY A 58 -8.66 -6.73 9.77
C GLY A 58 -9.62 -7.91 9.83
N HIS A 59 -10.74 -7.81 9.16
CA HIS A 59 -11.71 -8.93 9.17
C HIS A 59 -11.33 -9.96 8.10
N ASP A 11 12.69 5.90 1.15
CA ASP A 11 12.29 4.69 1.92
C ASP A 11 10.77 4.60 1.96
N LEU A 12 10.22 3.70 1.18
CA LEU A 12 8.74 3.54 1.14
C LEU A 12 8.31 2.68 2.33
N PRO A 13 7.11 2.87 2.84
CA PRO A 13 6.60 2.08 4.00
C PRO A 13 6.57 0.57 3.68
N PRO A 14 6.50 -0.25 4.68
CA PRO A 14 6.47 -1.74 4.50
C PRO A 14 5.22 -2.22 3.76
N ASN A 15 5.31 -3.35 3.10
CA ASN A 15 4.14 -3.90 2.35
C ASN A 15 3.78 -3.02 1.17
N LEU A 16 4.38 -1.85 1.04
CA LEU A 16 4.05 -0.94 -0.11
C LEU A 16 5.21 -0.93 -1.11
N TYR A 17 4.89 -0.86 -2.39
CA TYR A 17 5.96 -0.85 -3.44
C TYR A 17 5.59 0.18 -4.51
N ILE A 18 6.23 0.09 -5.64
CA ILE A 18 5.91 1.04 -6.75
C ILE A 18 5.99 0.31 -8.10
N ARG A 19 5.23 0.76 -9.06
CA ARG A 19 5.25 0.11 -10.40
C ARG A 19 6.27 0.80 -11.29
N ASN A 20 6.62 0.19 -12.39
CA ASN A 20 7.62 0.82 -13.31
C ASN A 20 7.03 2.10 -13.91
N ASN A 21 5.74 2.28 -13.77
CA ASN A 21 5.09 3.50 -14.34
C ASN A 21 5.13 4.62 -13.29
N GLY A 22 5.69 4.35 -12.14
CA GLY A 22 5.76 5.38 -11.07
C GLY A 22 4.47 5.37 -10.26
N TYR A 23 3.64 4.37 -10.44
CA TYR A 23 2.37 4.30 -9.67
C TYR A 23 2.65 3.59 -8.34
N TYR A 24 2.18 4.15 -7.25
CA TYR A 24 2.42 3.49 -5.93
C TYR A 24 1.34 2.42 -5.73
N CYS A 25 1.68 1.33 -5.09
CA CYS A 25 0.66 0.25 -4.90
C CYS A 25 0.89 -0.50 -3.59
N TYR A 26 -0.17 -0.91 -2.95
CA TYR A 26 -0.04 -1.67 -1.66
C TYR A 26 -0.19 -3.16 -1.96
N ARG A 27 0.39 -4.01 -1.15
CA ARG A 27 0.28 -5.50 -1.41
C ARG A 27 -0.47 -6.18 -0.27
N ASP A 28 -1.61 -6.76 -0.57
CA ASP A 28 -2.38 -7.47 0.50
C ASP A 28 -1.71 -8.82 0.79
N PRO A 29 -1.57 -9.20 2.05
CA PRO A 29 -0.93 -10.51 2.40
C PRO A 29 -1.86 -11.72 2.24
N ARG A 30 -3.14 -11.50 2.06
CA ARG A 30 -4.07 -12.65 1.90
C ARG A 30 -4.16 -13.05 0.42
N THR A 31 -4.12 -12.08 -0.46
CA THR A 31 -4.19 -12.38 -1.92
C THR A 31 -2.81 -12.17 -2.54
N GLY A 32 -1.93 -11.51 -1.85
CA GLY A 32 -0.56 -11.27 -2.40
C GLY A 32 -0.68 -10.38 -3.64
N LYS A 33 -1.88 -10.04 -4.02
CA LYS A 33 -2.05 -9.17 -5.23
C LYS A 33 -1.65 -7.74 -4.86
N GLU A 34 -1.94 -6.79 -5.72
CA GLU A 34 -1.58 -5.37 -5.44
C GLU A 34 -2.80 -4.47 -5.61
N PHE A 35 -2.68 -3.23 -5.21
CA PHE A 35 -3.82 -2.26 -5.34
C PHE A 35 -3.28 -0.94 -5.90
N GLY A 36 -3.85 -0.48 -6.98
CA GLY A 36 -3.38 0.81 -7.57
C GLY A 36 -3.90 1.98 -6.75
N LEU A 37 -3.02 2.80 -6.23
CA LEU A 37 -3.46 3.98 -5.42
C LEU A 37 -3.29 5.26 -6.25
N GLY A 38 -2.14 5.43 -6.84
CA GLY A 38 -1.89 6.65 -7.67
C GLY A 38 -0.41 6.99 -7.66
N ARG A 39 -0.05 8.13 -8.18
CA ARG A 39 1.39 8.53 -8.22
C ARG A 39 1.69 9.46 -7.04
N ASP A 40 0.71 9.72 -6.22
CA ASP A 40 0.92 10.64 -5.06
C ASP A 40 1.21 9.83 -3.79
N ARG A 41 2.47 9.71 -3.44
CA ARG A 41 2.82 8.95 -2.20
C ARG A 41 2.09 9.57 -1.02
N ARG A 42 1.60 10.77 -1.17
CA ARG A 42 0.88 11.44 -0.07
C ARG A 42 -0.44 10.72 0.13
N ILE A 43 -1.15 10.50 -0.94
CA ILE A 43 -2.45 9.78 -0.84
C ILE A 43 -2.16 8.28 -0.79
N ALA A 44 -1.13 7.84 -1.46
CA ALA A 44 -0.80 6.39 -1.46
C ALA A 44 -0.39 5.97 -0.04
N ILE A 45 0.63 6.57 0.50
CA ILE A 45 1.09 6.21 1.87
C ILE A 45 -0.10 6.32 2.84
N THR A 46 -0.94 7.30 2.66
CA THR A 46 -2.11 7.46 3.56
C THR A 46 -2.89 6.14 3.60
N GLU A 47 -3.25 5.63 2.46
CA GLU A 47 -4.02 4.35 2.42
C GLU A 47 -3.17 3.22 3.00
N ALA A 48 -1.93 3.17 2.62
CA ALA A 48 -1.03 2.09 3.13
C ALA A 48 -1.04 2.10 4.67
N ILE A 49 -1.01 3.26 5.27
CA ILE A 49 -1.00 3.33 6.76
C ILE A 49 -2.28 2.70 7.33
N GLN A 50 -3.41 2.97 6.75
CA GLN A 50 -4.68 2.37 7.28
C GLN A 50 -4.54 0.85 7.20
N ALA A 51 -3.91 0.38 6.17
CA ALA A 51 -3.72 -1.09 6.00
C ALA A 51 -2.81 -1.60 7.12
N ASN A 52 -1.87 -0.79 7.54
CA ASN A 52 -0.94 -1.24 8.62
C ASN A 52 -1.70 -1.40 9.94
N ILE A 53 -2.53 -0.45 10.28
CA ILE A 53 -3.28 -0.55 11.56
C ILE A 53 -4.30 -1.69 11.44
N GLU A 54 -4.93 -1.82 10.30
CA GLU A 54 -5.92 -2.91 10.11
C GLU A 54 -5.17 -4.24 10.05
N LEU A 55 -3.90 -4.20 9.80
CA LEU A 55 -3.11 -5.46 9.72
C LEU A 55 -3.16 -6.18 11.07
N PHE A 56 -3.27 -5.44 12.15
CA PHE A 56 -3.33 -6.07 13.51
C PHE A 56 -4.79 -6.27 13.91
N SER A 57 -5.70 -6.04 13.00
CA SER A 57 -7.15 -6.21 13.34
C SER A 57 -7.94 -6.41 12.04
N GLY A 58 -7.73 -7.50 11.37
CA GLY A 58 -8.47 -7.76 10.10
C GLY A 58 -9.95 -8.07 10.43
N HIS A 59 -10.25 -8.29 11.68
CA HIS A 59 -11.66 -8.59 12.06
C HIS A 59 -12.51 -7.33 11.88
N ASP A 11 13.02 4.19 3.28
CA ASP A 11 12.49 4.72 1.99
C ASP A 11 10.96 4.60 1.98
N LEU A 12 10.42 3.76 1.15
CA LEU A 12 8.94 3.61 1.09
C LEU A 12 8.50 2.66 2.22
N PRO A 13 7.31 2.84 2.76
CA PRO A 13 6.81 1.96 3.86
C PRO A 13 6.70 0.50 3.42
N PRO A 14 6.63 -0.41 4.35
CA PRO A 14 6.52 -1.86 4.05
C PRO A 14 5.20 -2.21 3.36
N ASN A 15 5.05 -3.41 2.89
CA ASN A 15 3.78 -3.81 2.22
C ASN A 15 3.43 -2.79 1.13
N LEU A 16 4.37 -1.96 0.74
CA LEU A 16 4.09 -0.94 -0.33
C LEU A 16 5.26 -0.87 -1.30
N TYR A 17 4.97 -0.85 -2.57
CA TYR A 17 6.05 -0.78 -3.61
C TYR A 17 5.68 0.28 -4.65
N ILE A 18 6.32 0.23 -5.78
CA ILE A 18 6.00 1.23 -6.86
C ILE A 18 6.05 0.55 -8.23
N ARG A 19 5.27 1.05 -9.16
CA ARG A 19 5.24 0.45 -10.52
C ARG A 19 6.25 1.19 -11.42
N ASN A 20 6.84 0.50 -12.36
CA ASN A 20 7.83 1.17 -13.25
C ASN A 20 7.21 2.43 -13.86
N ASN A 21 5.92 2.59 -13.70
CA ASN A 21 5.25 3.80 -14.26
C ASN A 21 5.26 4.91 -13.20
N GLY A 22 5.77 4.61 -12.04
CA GLY A 22 5.83 5.64 -10.95
C GLY A 22 4.51 5.60 -10.17
N TYR A 23 3.68 4.63 -10.43
CA TYR A 23 2.39 4.53 -9.69
C TYR A 23 2.65 3.77 -8.38
N TYR A 24 2.17 4.28 -7.28
CA TYR A 24 2.40 3.57 -5.99
C TYR A 24 1.35 2.47 -5.86
N CYS A 25 1.69 1.38 -5.21
CA CYS A 25 0.69 0.27 -5.06
C CYS A 25 0.92 -0.46 -3.74
N TYR A 26 -0.13 -0.90 -3.10
CA TYR A 26 0.00 -1.62 -1.80
C TYR A 26 -0.13 -3.13 -2.02
N ARG A 27 0.56 -3.92 -1.23
CA ARG A 27 0.49 -5.42 -1.39
C ARG A 27 -0.36 -6.02 -0.28
N ASP A 28 -1.54 -6.48 -0.60
CA ASP A 28 -2.42 -7.09 0.43
C ASP A 28 -1.83 -8.47 0.82
N PRO A 29 -1.47 -8.67 2.07
CA PRO A 29 -0.90 -9.98 2.50
C PRO A 29 -1.97 -11.06 2.69
N ARG A 30 -3.21 -10.73 2.44
CA ARG A 30 -4.30 -11.74 2.58
C ARG A 30 -4.50 -12.46 1.25
N THR A 31 -4.21 -11.81 0.16
CA THR A 31 -4.37 -12.44 -1.19
C THR A 31 -3.02 -12.45 -1.92
N GLY A 32 -2.17 -11.51 -1.60
CA GLY A 32 -0.81 -11.47 -2.24
C GLY A 32 -0.82 -10.55 -3.46
N LYS A 33 -1.98 -10.14 -3.91
CA LYS A 33 -2.05 -9.25 -5.11
C LYS A 33 -1.69 -7.81 -4.72
N GLU A 34 -1.71 -6.91 -5.68
CA GLU A 34 -1.36 -5.48 -5.39
C GLU A 34 -2.60 -4.59 -5.53
N PHE A 35 -2.47 -3.32 -5.25
CA PHE A 35 -3.63 -2.38 -5.35
C PHE A 35 -3.14 -1.05 -5.94
N GLY A 36 -3.58 -0.71 -7.12
CA GLY A 36 -3.14 0.57 -7.74
C GLY A 36 -3.77 1.75 -6.98
N LEU A 37 -2.97 2.64 -6.46
CA LEU A 37 -3.50 3.82 -5.71
C LEU A 37 -3.36 5.07 -6.57
N GLY A 38 -2.16 5.39 -6.98
CA GLY A 38 -1.96 6.61 -7.81
C GLY A 38 -0.49 6.98 -7.81
N ARG A 39 -0.17 8.23 -8.10
CA ARG A 39 1.25 8.68 -8.13
C ARG A 39 1.54 9.57 -6.93
N ASP A 40 0.58 9.76 -6.06
CA ASP A 40 0.80 10.65 -4.88
C ASP A 40 1.23 9.81 -3.68
N ARG A 41 2.51 9.75 -3.42
CA ARG A 41 2.99 8.98 -2.25
C ARG A 41 2.21 9.40 -1.02
N ARG A 42 1.63 10.58 -1.06
CA ARG A 42 0.85 11.07 0.10
C ARG A 42 -0.45 10.29 0.19
N ILE A 43 -1.21 10.30 -0.86
CA ILE A 43 -2.51 9.58 -0.85
C ILE A 43 -2.22 8.07 -0.79
N ALA A 44 -1.20 7.63 -1.45
CA ALA A 44 -0.88 6.17 -1.43
C ALA A 44 -0.41 5.76 -0.03
N ILE A 45 0.63 6.37 0.47
CA ILE A 45 1.11 6.01 1.83
C ILE A 45 -0.04 6.13 2.82
N THR A 46 -0.91 7.08 2.63
CA THR A 46 -2.07 7.24 3.56
C THR A 46 -2.79 5.90 3.66
N GLU A 47 -3.18 5.35 2.54
CA GLU A 47 -3.91 4.05 2.55
C GLU A 47 -3.00 2.97 3.13
N ALA A 48 -1.75 3.00 2.78
CA ALA A 48 -0.80 1.98 3.31
C ALA A 48 -0.87 1.96 4.84
N ILE A 49 -0.87 3.11 5.45
CA ILE A 49 -0.93 3.16 6.94
C ILE A 49 -2.20 2.50 7.44
N GLN A 50 -3.33 2.80 6.85
CA GLN A 50 -4.60 2.15 7.32
C GLN A 50 -4.48 0.65 7.11
N ALA A 51 -3.85 0.25 6.05
CA ALA A 51 -3.69 -1.21 5.80
C ALA A 51 -2.83 -1.79 6.90
N ASN A 52 -1.87 -1.03 7.37
CA ASN A 52 -1.00 -1.53 8.46
C ASN A 52 -1.80 -1.61 9.77
N ILE A 53 -2.63 -0.64 10.03
CA ILE A 53 -3.43 -0.66 11.28
C ILE A 53 -4.46 -1.78 11.19
N GLU A 54 -5.11 -1.90 10.07
CA GLU A 54 -6.12 -2.98 9.92
C GLU A 54 -5.42 -4.32 9.94
N LEU A 55 -4.14 -4.34 9.68
CA LEU A 55 -3.39 -5.61 9.69
C LEU A 55 -3.40 -6.19 11.11
N PHE A 56 -3.66 -5.35 12.10
CA PHE A 56 -3.69 -5.84 13.50
C PHE A 56 -5.13 -6.19 13.86
N SER A 57 -6.05 -5.89 12.97
CA SER A 57 -7.49 -6.20 13.23
C SER A 57 -8.07 -5.21 14.25
N GLY A 58 -7.58 -4.00 14.28
CA GLY A 58 -8.12 -3.01 15.25
C GLY A 58 -9.53 -2.59 14.82
N HIS A 59 -10.08 -1.57 15.43
CA HIS A 59 -11.45 -1.12 15.07
C HIS A 59 -11.60 0.37 15.38
#